data_6B7K
#
_entry.id   6B7K
#
_cell.length_a   64.558
_cell.length_b   124.178
_cell.length_c   69.231
_cell.angle_alpha   90.00
_cell.angle_beta   91.16
_cell.angle_gamma   90.00
#
_symmetry.space_group_name_H-M   'P 1 21 1'
#
loop_
_entity.id
_entity.type
_entity.pdbx_description
1 polymer Endo-alpha-(1->5)-L-arabinanase
2 non-polymer 'CALCIUM ION'
3 water water
#
_entity_poly.entity_id   1
_entity_poly.type   'polypeptide(L)'
_entity_poly.pdbx_seq_one_letter_code
;SFSMPESGKAAFWDTKGDNFIHDPSIIKEGNTWYTFGTGLGTGLRVIKSTDGRNWSAAPSIFPTPLSWWKMYVPNHEPHQ
WAPDISYYNGRYWLYYSVSSFGSNTSAIGLASTDRISSGQWRDDGLVIRSTSGDQFNAIDPDLVIDKDGNPWLSFGSFWS
GIKLTRLDKNTMKPTGSLYSIASRPNNGGAVEAPNITYKDGYYYLFVSFDSCCKGVDSTYKIAYGRSTSITGPYYDKSGK
NMMNGGGTILDSGNDRWKGPGHQDVLNNSILVRHAYDALDNGVSKLLINDLYWDSQGWPTY
;
_entity_poly.pdbx_strand_id   A,B,C,D
#
# COMPACT_ATOMS: atom_id res chain seq x y z
N PHE A 12 33.81 6.09 -0.79
CA PHE A 12 33.62 6.13 0.65
C PHE A 12 34.55 5.15 1.36
N TRP A 13 34.28 4.93 2.65
CA TRP A 13 34.96 3.89 3.41
C TRP A 13 34.15 2.61 3.32
N ASP A 14 34.75 1.58 2.73
CA ASP A 14 34.08 0.29 2.61
C ASP A 14 34.03 -0.38 3.99
N THR A 15 32.85 -0.40 4.61
CA THR A 15 32.67 -0.97 5.93
C THR A 15 32.37 -2.46 5.82
N LYS A 16 33.05 -3.26 6.63
CA LYS A 16 32.91 -4.71 6.63
C LYS A 16 32.76 -5.21 8.06
N GLY A 17 32.34 -6.46 8.19
CA GLY A 17 32.18 -7.03 9.52
C GLY A 17 30.79 -6.75 10.03
N ASP A 18 30.70 -6.37 11.30
CA ASP A 18 29.42 -6.08 11.94
C ASP A 18 29.08 -4.60 11.74
N ASN A 19 28.80 -4.26 10.48
CA ASN A 19 28.60 -2.89 10.06
C ASN A 19 27.13 -2.51 9.94
N PHE A 20 26.23 -3.26 10.58
CA PHE A 20 24.82 -2.91 10.60
C PHE A 20 24.60 -1.73 11.54
N ILE A 21 23.84 -0.74 11.07
CA ILE A 21 23.54 0.44 11.88
C ILE A 21 22.28 1.09 11.33
N HIS A 22 21.64 1.92 12.14
CA HIS A 22 20.52 2.73 11.70
C HIS A 22 20.49 3.99 12.54
N ASP A 23 20.39 5.15 11.88
CA ASP A 23 20.46 6.46 12.51
C ASP A 23 21.77 6.62 13.27
N PRO A 24 22.92 6.61 12.59
CA PRO A 24 24.21 6.62 13.29
C PRO A 24 24.68 8.02 13.68
N SER A 25 25.56 8.04 14.67
CA SER A 25 26.28 9.25 15.08
C SER A 25 27.68 8.83 15.48
N ILE A 26 28.69 9.39 14.81
CA ILE A 26 30.07 8.95 14.98
C ILE A 26 30.77 9.78 16.02
N ILE A 27 31.67 9.14 16.76
CA ILE A 27 32.58 9.77 17.70
C ILE A 27 33.86 8.94 17.70
N LYS A 28 34.90 9.43 18.37
CA LYS A 28 36.23 8.82 18.28
C LYS A 28 36.99 9.18 19.53
N GLU A 29 37.19 8.22 20.42
CA GLU A 29 37.92 8.41 21.67
C GLU A 29 39.23 7.65 21.58
N GLY A 30 40.34 8.37 21.69
CA GLY A 30 41.63 7.76 21.42
C GLY A 30 41.71 7.36 19.96
N ASN A 31 42.24 6.16 19.71
CA ASN A 31 42.29 5.61 18.36
C ASN A 31 41.06 4.80 17.99
N THR A 32 40.06 4.73 18.87
CA THR A 32 38.90 3.88 18.66
C THR A 32 37.72 4.70 18.17
N TRP A 33 37.15 4.30 17.04
CA TRP A 33 35.91 4.90 16.55
C TRP A 33 34.72 4.26 17.26
N TYR A 34 33.71 5.06 17.55
CA TYR A 34 32.47 4.58 18.12
C TYR A 34 31.30 5.14 17.33
N THR A 35 30.47 4.26 16.80
CA THR A 35 29.23 4.65 16.14
C THR A 35 28.06 4.29 17.04
N PHE A 36 27.33 5.30 17.50
CA PHE A 36 26.09 5.10 18.24
C PHE A 36 24.93 5.06 17.26
N GLY A 37 24.03 4.10 17.45
CA GLY A 37 22.91 3.93 16.54
C GLY A 37 21.66 3.51 17.28
N THR A 38 20.56 3.46 16.53
CA THR A 38 19.31 2.95 17.06
C THR A 38 19.49 1.52 17.54
N GLY A 39 18.96 1.24 18.73
CA GLY A 39 19.25 -0.04 19.37
C GLY A 39 18.74 -1.21 18.57
N LEU A 40 19.48 -2.31 18.66
CA LEU A 40 19.08 -3.60 18.08
C LEU A 40 18.52 -4.44 19.22
N GLY A 41 17.19 -4.49 19.30
CA GLY A 41 16.52 -5.21 20.36
C GLY A 41 16.04 -4.30 21.46
N THR A 42 16.95 -3.90 22.35
CA THR A 42 16.62 -2.97 23.42
C THR A 42 17.75 -1.96 23.54
N GLY A 43 17.40 -0.75 23.95
CA GLY A 43 18.39 0.28 24.22
C GLY A 43 18.99 0.93 22.98
N LEU A 44 20.30 1.13 23.00
CA LEU A 44 21.01 1.83 21.94
C LEU A 44 22.18 0.99 21.46
N ARG A 45 22.37 0.94 20.14
CA ARG A 45 23.39 0.10 19.54
C ARG A 45 24.71 0.86 19.42
N VAL A 46 25.80 0.19 19.78
CA VAL A 46 27.15 0.74 19.68
C VAL A 46 28.04 -0.27 18.99
N ILE A 47 28.81 0.19 18.01
CA ILE A 47 29.81 -0.63 17.35
C ILE A 47 31.11 0.16 17.31
N LYS A 48 32.23 -0.57 17.40
CA LYS A 48 33.55 0.00 17.54
C LYS A 48 34.43 -0.38 16.37
N SER A 49 35.52 0.36 16.20
CA SER A 49 36.45 0.11 15.10
C SER A 49 37.81 0.70 15.44
N THR A 50 38.86 -0.04 15.09
CA THR A 50 40.23 0.43 15.28
C THR A 50 40.77 1.18 14.06
N ASP A 51 40.34 0.79 12.85
CA ASP A 51 40.84 1.38 11.62
C ASP A 51 39.79 2.22 10.89
N GLY A 52 38.53 2.17 11.30
CA GLY A 52 37.46 2.85 10.60
C GLY A 52 36.77 2.03 9.53
N ARG A 53 37.33 0.88 9.16
CA ARG A 53 36.76 0.03 8.13
C ARG A 53 36.18 -1.28 8.65
N ASN A 54 36.73 -1.82 9.73
CA ASN A 54 36.24 -3.06 10.34
C ASN A 54 35.55 -2.73 11.65
N TRP A 55 34.26 -3.05 11.74
CA TRP A 55 33.46 -2.73 12.91
C TRP A 55 33.02 -4.01 13.62
N SER A 56 32.93 -3.92 14.94
CA SER A 56 32.52 -5.05 15.77
C SER A 56 31.54 -4.55 16.83
N ALA A 57 30.75 -5.48 17.36
CA ALA A 57 29.72 -5.11 18.32
C ALA A 57 30.34 -4.61 19.62
N ALA A 58 29.61 -3.74 20.30
CA ALA A 58 30.01 -3.15 21.56
C ALA A 58 28.83 -3.19 22.52
N PRO A 59 29.07 -3.10 23.83
CA PRO A 59 27.96 -3.15 24.78
C PRO A 59 26.91 -2.09 24.49
N SER A 60 25.65 -2.50 24.51
CA SER A 60 24.55 -1.61 24.22
C SER A 60 24.27 -0.69 25.41
N ILE A 61 23.78 0.50 25.11
CA ILE A 61 23.37 1.45 26.13
C ILE A 61 21.94 1.15 26.53
N PHE A 62 21.65 1.27 27.83
CA PHE A 62 20.34 0.99 28.42
C PHE A 62 19.88 -0.42 28.09
N PRO A 63 20.54 -1.46 28.62
CA PRO A 63 20.03 -2.82 28.38
C PRO A 63 18.66 -3.05 28.98
N THR A 64 18.33 -2.37 30.06
CA THR A 64 17.02 -2.39 30.68
C THR A 64 16.39 -1.00 30.58
N PRO A 65 15.09 -0.91 30.28
CA PRO A 65 14.49 0.40 30.02
C PRO A 65 14.46 1.26 31.28
N LEU A 66 14.74 2.55 31.09
CA LEU A 66 14.66 3.50 32.18
C LEU A 66 13.23 3.65 32.67
N SER A 67 13.09 3.88 33.98
CA SER A 67 11.76 3.94 34.58
C SER A 67 10.98 5.14 34.07
N TRP A 68 11.60 6.31 34.04
CA TRP A 68 10.88 7.53 33.68
C TRP A 68 10.51 7.60 32.20
N TRP A 69 10.96 6.65 31.37
CA TRP A 69 10.48 6.58 29.99
C TRP A 69 8.99 6.29 29.96
N LYS A 70 8.54 5.35 30.80
CA LYS A 70 7.12 5.02 30.89
C LYS A 70 6.28 6.22 31.32
N MET A 71 6.89 7.23 31.93
CA MET A 71 6.14 8.41 32.35
C MET A 71 5.72 9.26 31.17
N TYR A 72 6.68 9.57 30.28
CA TYR A 72 6.42 10.49 29.19
C TYR A 72 6.12 9.79 27.86
N VAL A 73 6.69 8.60 27.63
CA VAL A 73 6.34 7.79 26.48
C VAL A 73 5.99 6.39 26.99
N PRO A 74 4.78 6.18 27.54
CA PRO A 74 4.46 4.86 28.10
C PRO A 74 4.49 3.73 27.10
N ASN A 75 4.02 3.96 25.87
CA ASN A 75 4.01 2.93 24.84
C ASN A 75 5.32 2.83 24.08
N HIS A 76 6.44 3.20 24.69
CA HIS A 76 7.69 3.32 23.95
C HIS A 76 8.18 1.96 23.49
N GLU A 77 8.74 1.93 22.29
CA GLU A 77 9.33 0.71 21.76
C GLU A 77 10.56 0.33 22.58
N PRO A 78 10.85 -0.97 22.70
CA PRO A 78 11.97 -1.38 23.56
C PRO A 78 13.31 -0.81 23.12
N HIS A 79 13.54 -0.66 21.82
CA HIS A 79 14.76 -0.04 21.34
C HIS A 79 14.58 1.47 21.24
N GLN A 80 15.63 2.20 21.59
CA GLN A 80 15.64 3.65 21.49
C GLN A 80 16.29 4.06 20.18
N TRP A 81 15.92 5.25 19.69
CA TRP A 81 16.28 5.67 18.35
C TRP A 81 17.27 6.82 18.37
N ALA A 82 17.97 6.96 17.23
CA ALA A 82 18.72 8.14 16.81
C ALA A 82 19.53 8.78 17.94
N PRO A 83 20.61 8.15 18.38
CA PRO A 83 21.46 8.77 19.40
C PRO A 83 22.40 9.80 18.77
N ASP A 84 22.84 10.73 19.63
CA ASP A 84 23.84 11.72 19.25
C ASP A 84 24.92 11.75 20.32
N ILE A 85 26.17 11.57 19.91
CA ILE A 85 27.30 11.49 20.83
C ILE A 85 28.29 12.60 20.49
N SER A 86 28.79 13.27 21.52
CA SER A 86 29.79 14.31 21.34
C SER A 86 30.45 14.60 22.67
N TYR A 87 31.65 15.16 22.61
CA TYR A 87 32.39 15.59 23.78
C TYR A 87 32.38 17.12 23.85
N TYR A 88 32.01 17.66 25.00
CA TYR A 88 31.88 19.10 25.17
C TYR A 88 31.92 19.44 26.64
N ASN A 89 32.64 20.52 26.97
CA ASN A 89 32.76 21.00 28.35
C ASN A 89 33.28 19.90 29.28
N GLY A 90 34.19 19.08 28.76
CA GLY A 90 34.83 18.07 29.58
C GLY A 90 34.00 16.86 29.90
N ARG A 91 33.12 16.43 28.99
CA ARG A 91 32.25 15.30 29.27
C ARG A 91 31.54 14.90 27.97
N TYR A 92 31.28 13.60 27.84
CA TYR A 92 30.53 13.10 26.70
C TYR A 92 29.03 13.24 26.94
N TRP A 93 28.32 13.69 25.91
CA TRP A 93 26.88 13.90 25.98
C TRP A 93 26.21 13.00 24.96
N LEU A 94 25.21 12.23 25.42
CA LEU A 94 24.51 11.26 24.59
C LEU A 94 23.02 11.58 24.62
N TYR A 95 22.54 12.27 23.59
CA TYR A 95 21.13 12.50 23.41
C TYR A 95 20.51 11.33 22.67
N TYR A 96 19.30 10.94 23.08
CA TYR A 96 18.63 9.79 22.50
C TYR A 96 17.12 10.03 22.53
N SER A 97 16.41 9.23 21.74
CA SER A 97 14.97 9.38 21.58
C SER A 97 14.22 8.22 22.22
N VAL A 98 13.03 8.51 22.71
CA VAL A 98 12.10 7.53 23.25
C VAL A 98 10.75 7.79 22.62
N SER A 99 10.26 6.86 21.80
CA SER A 99 9.07 7.11 21.00
C SER A 99 8.52 5.80 20.46
N SER A 100 7.43 5.91 19.69
CA SER A 100 6.87 4.83 18.89
C SER A 100 6.82 5.30 17.44
N PHE A 101 6.91 4.35 16.52
CA PHE A 101 7.02 4.72 15.10
C PHE A 101 5.73 5.34 14.60
N GLY A 102 5.88 6.36 13.76
CA GLY A 102 4.75 7.07 13.19
C GLY A 102 3.92 7.78 14.23
N SER A 103 4.42 7.83 15.46
CA SER A 103 3.70 8.40 16.59
C SER A 103 4.36 9.70 17.02
N ASN A 104 3.58 10.52 17.73
CA ASN A 104 4.05 11.82 18.19
C ASN A 104 4.43 11.83 19.66
N THR A 105 3.92 10.90 20.46
CA THR A 105 4.32 10.84 21.86
C THR A 105 5.78 10.45 21.96
N SER A 106 6.67 11.45 21.94
CA SER A 106 8.10 11.21 21.95
C SER A 106 8.76 12.04 23.04
N ALA A 107 9.97 11.63 23.42
CA ALA A 107 10.74 12.32 24.44
C ALA A 107 12.22 12.10 24.17
N ILE A 108 13.00 13.17 24.26
CA ILE A 108 14.45 13.10 24.10
C ILE A 108 15.08 13.06 25.49
N GLY A 109 15.89 12.04 25.74
CA GLY A 109 16.62 11.93 26.98
C GLY A 109 18.08 12.29 26.81
N LEU A 110 18.82 12.20 27.91
CA LEU A 110 20.24 12.54 27.90
C LEU A 110 20.99 11.58 28.80
N ALA A 111 22.05 10.98 28.25
CA ALA A 111 23.00 10.17 29.00
C ALA A 111 24.37 10.82 28.90
N SER A 112 25.21 10.55 29.90
CA SER A 112 26.49 11.22 29.99
C SER A 112 27.52 10.30 30.62
N THR A 113 28.78 10.52 30.25
CA THR A 113 29.91 9.81 30.84
C THR A 113 31.17 10.63 30.61
N ASP A 114 32.18 10.35 31.43
CA ASP A 114 33.50 10.96 31.27
C ASP A 114 34.37 10.23 30.27
N ARG A 115 34.04 8.97 29.97
CA ARG A 115 34.88 8.15 29.09
C ARG A 115 34.02 7.01 28.57
N ILE A 116 33.82 6.97 27.24
CA ILE A 116 32.94 5.96 26.65
C ILE A 116 33.43 4.55 26.96
N SER A 117 34.75 4.36 27.03
CA SER A 117 35.30 3.03 27.26
C SER A 117 35.03 2.52 28.67
N SER A 118 34.54 3.36 29.58
CA SER A 118 34.14 2.85 30.89
C SER A 118 32.81 2.12 30.82
N GLY A 119 31.97 2.43 29.83
CA GLY A 119 30.67 1.81 29.72
C GLY A 119 29.66 2.22 30.77
N GLN A 120 30.00 3.19 31.62
CA GLN A 120 29.15 3.64 32.71
C GLN A 120 28.54 4.98 32.32
N TRP A 121 27.22 5.01 32.16
CA TRP A 121 26.52 6.20 31.69
C TRP A 121 25.57 6.69 32.77
N ARG A 122 25.59 8.00 33.02
CA ARG A 122 24.72 8.63 34.00
C ARG A 122 23.40 9.06 33.36
N ASP A 123 22.31 8.93 34.11
CA ASP A 123 20.98 9.28 33.62
C ASP A 123 20.72 10.76 33.89
N ASP A 124 20.74 11.57 32.84
CA ASP A 124 20.60 13.01 32.97
C ASP A 124 19.18 13.51 32.74
N GLY A 125 18.22 12.61 32.51
CA GLY A 125 16.82 12.98 32.55
C GLY A 125 16.25 13.48 31.23
N LEU A 126 14.97 13.83 31.28
CA LEU A 126 14.25 14.29 30.11
C LEU A 126 14.82 15.61 29.60
N VAL A 127 14.90 15.75 28.28
CA VAL A 127 15.39 16.96 27.65
C VAL A 127 14.20 17.79 27.17
N ILE A 128 13.35 17.18 26.35
CA ILE A 128 12.17 17.86 25.81
C ILE A 128 11.18 16.79 25.37
N ARG A 129 9.90 17.05 25.65
CA ARG A 129 8.82 16.11 25.34
C ARG A 129 7.92 16.66 24.24
N SER A 130 7.28 15.75 23.52
CA SER A 130 6.26 16.10 22.54
C SER A 130 5.04 15.20 22.76
N THR A 131 3.87 15.80 22.80
CA THR A 131 2.62 15.07 22.94
C THR A 131 1.78 15.22 21.67
N SER A 132 0.59 14.63 21.69
CA SER A 132 -0.31 14.71 20.55
C SER A 132 -0.77 16.14 20.27
N GLY A 133 -0.78 17.01 21.28
CA GLY A 133 -1.12 18.40 21.06
C GLY A 133 -0.06 19.21 20.37
N ASP A 134 1.21 18.79 20.46
CA ASP A 134 2.31 19.53 19.87
C ASP A 134 2.37 19.30 18.36
N GLN A 135 2.99 20.26 17.67
CA GLN A 135 3.14 20.21 16.22
C GLN A 135 4.54 19.80 15.79
N PHE A 136 5.29 19.14 16.66
CA PHE A 136 6.63 18.66 16.34
C PHE A 136 6.77 17.23 16.87
N ASN A 137 7.96 16.68 16.75
CA ASN A 137 8.26 15.34 17.26
C ASN A 137 9.63 15.37 17.91
N ALA A 138 9.69 15.03 19.20
CA ALA A 138 10.93 15.06 19.96
C ALA A 138 11.70 13.76 19.76
N ILE A 139 12.27 13.63 18.55
CA ILE A 139 13.22 12.59 18.22
C ILE A 139 14.33 13.21 17.36
N ASP A 140 15.31 12.38 17.01
CA ASP A 140 16.45 12.79 16.20
C ASP A 140 17.16 14.03 16.76
N PRO A 141 17.71 13.94 17.97
CA PRO A 141 18.42 15.08 18.55
C PRO A 141 19.82 15.21 18.00
N ASP A 142 20.41 16.39 18.20
CA ASP A 142 21.77 16.64 17.74
C ASP A 142 22.30 17.88 18.43
N LEU A 143 23.43 17.74 19.11
CA LEU A 143 24.08 18.84 19.81
C LEU A 143 25.02 19.58 18.86
N VAL A 144 25.07 20.90 19.00
CA VAL A 144 25.94 21.74 18.20
C VAL A 144 26.42 22.90 19.07
N ILE A 145 27.69 23.27 18.91
CA ILE A 145 28.33 24.29 19.73
C ILE A 145 28.53 25.55 18.88
N ASP A 146 28.16 26.70 19.45
CA ASP A 146 28.25 27.98 18.76
C ASP A 146 29.69 28.30 18.38
N LYS A 147 29.83 29.27 17.46
CA LYS A 147 31.12 29.88 17.24
C LYS A 147 31.65 30.54 18.50
N ASP A 148 30.77 30.89 19.43
CA ASP A 148 31.14 31.43 20.73
C ASP A 148 31.24 30.36 21.80
N GLY A 149 30.92 29.10 21.48
CA GLY A 149 31.10 28.02 22.43
C GLY A 149 29.90 27.67 23.27
N ASN A 150 28.69 28.02 22.84
CA ASN A 150 27.52 27.71 23.64
C ASN A 150 26.69 26.62 22.98
N PRO A 151 26.10 25.72 23.77
CA PRO A 151 25.44 24.55 23.18
C PRO A 151 24.04 24.86 22.67
N TRP A 152 23.70 24.17 21.57
CA TRP A 152 22.36 24.20 20.99
C TRP A 152 21.94 22.77 20.66
N LEU A 153 20.63 22.55 20.58
CA LEU A 153 20.07 21.25 20.24
C LEU A 153 19.08 21.43 19.10
N SER A 154 19.32 20.75 17.99
CA SER A 154 18.39 20.68 16.88
C SER A 154 17.75 19.29 16.84
N PHE A 155 16.45 19.24 16.55
CA PHE A 155 15.72 17.99 16.51
C PHE A 155 14.53 18.15 15.56
N GLY A 156 13.69 17.12 15.51
CA GLY A 156 12.46 17.19 14.73
C GLY A 156 12.33 16.05 13.73
N SER A 157 11.08 15.71 13.42
CA SER A 157 10.79 14.69 12.42
C SER A 157 9.34 14.86 11.98
N PHE A 158 9.15 15.30 10.74
CA PHE A 158 7.83 15.57 10.18
C PHE A 158 7.08 16.62 11.00
N TRP A 159 5.77 16.72 10.80
CA TRP A 159 4.92 17.75 11.42
C TRP A 159 5.47 19.11 10.99
N SER A 160 5.73 20.03 11.90
CA SER A 160 6.22 21.36 11.53
C SER A 160 7.66 21.32 11.03
N GLY A 161 8.44 20.32 11.42
CA GLY A 161 9.77 20.10 10.85
C GLY A 161 10.86 20.16 11.91
N ILE A 162 11.96 20.81 11.56
CA ILE A 162 13.16 20.84 12.39
C ILE A 162 13.08 22.01 13.36
N LYS A 163 13.31 21.72 14.63
CA LYS A 163 13.30 22.71 15.69
C LYS A 163 14.70 22.87 16.27
N LEU A 164 15.00 24.09 16.72
CA LEU A 164 16.31 24.42 17.28
C LEU A 164 16.09 25.18 18.58
N THR A 165 16.84 24.80 19.61
CA THR A 165 16.76 25.48 20.90
C THR A 165 18.16 25.67 21.46
N ARG A 166 18.31 26.68 22.32
CA ARG A 166 19.56 26.95 22.99
C ARG A 166 19.61 26.19 24.31
N LEU A 167 20.75 25.58 24.60
CA LEU A 167 20.97 24.87 25.84
C LEU A 167 21.90 25.71 26.74
N ASP A 168 21.66 25.63 28.04
CA ASP A 168 22.53 26.30 29.01
C ASP A 168 23.66 25.36 29.41
N LYS A 169 24.86 25.93 29.59
CA LYS A 169 26.03 25.12 29.87
C LYS A 169 25.88 24.28 31.13
N ASN A 170 24.99 24.67 32.04
CA ASN A 170 24.87 23.99 33.33
C ASN A 170 24.08 22.68 33.21
N THR A 171 22.85 22.77 32.72
CA THR A 171 21.97 21.60 32.69
C THR A 171 22.02 20.83 31.38
N MET A 172 22.57 21.43 30.32
CA MET A 172 22.55 20.85 28.98
C MET A 172 21.14 20.46 28.57
N LYS A 173 20.18 21.29 28.97
CA LYS A 173 18.77 21.14 28.68
C LYS A 173 18.26 22.44 28.07
N PRO A 174 17.12 22.40 27.39
CA PRO A 174 16.70 23.58 26.61
C PRO A 174 16.36 24.78 27.49
N THR A 175 16.80 25.96 27.04
CA THR A 175 16.32 27.24 27.54
C THR A 175 15.87 28.08 26.34
N GLY A 176 15.28 29.24 26.64
CA GLY A 176 14.79 30.09 25.58
C GLY A 176 13.60 29.47 24.88
N SER A 177 13.45 29.82 23.61
CA SER A 177 12.33 29.35 22.81
C SER A 177 12.81 28.45 21.68
N LEU A 178 11.87 27.72 21.09
CA LEU A 178 12.17 26.85 19.97
C LEU A 178 12.20 27.67 18.69
N TYR A 179 13.19 27.41 17.84
CA TYR A 179 13.33 28.06 16.55
C TYR A 179 13.14 27.05 15.44
N SER A 180 12.25 27.36 14.50
CA SER A 180 12.04 26.53 13.31
C SER A 180 13.07 26.92 12.27
N ILE A 181 13.89 25.96 11.85
CA ILE A 181 14.93 26.25 10.87
C ILE A 181 14.73 25.52 9.54
N ALA A 182 13.98 24.42 9.51
CA ALA A 182 13.72 23.71 8.26
C ALA A 182 12.32 23.09 8.31
N SER A 183 11.53 23.37 7.29
CA SER A 183 10.21 22.76 7.14
C SER A 183 10.01 22.38 5.69
N ARG A 184 8.96 21.57 5.45
CA ARG A 184 8.73 20.97 4.14
C ARG A 184 7.23 20.82 3.92
N PRO A 185 6.52 21.94 3.80
CA PRO A 185 5.04 21.88 3.83
C PRO A 185 4.44 21.26 2.58
N ASN A 186 5.04 21.47 1.42
CA ASN A 186 4.48 20.95 0.18
C ASN A 186 4.88 19.51 -0.10
N ASN A 187 5.59 18.86 0.82
CA ASN A 187 6.03 17.48 0.64
C ASN A 187 5.80 16.69 1.92
N GLY A 188 4.71 16.98 2.62
CA GLY A 188 4.33 16.22 3.80
C GLY A 188 5.24 16.39 4.99
N GLY A 189 6.05 17.45 5.02
CA GLY A 189 6.99 17.61 6.11
C GLY A 189 8.06 16.57 6.17
N ALA A 190 8.35 15.89 5.06
CA ALA A 190 9.28 14.78 5.03
C ALA A 190 10.72 15.24 5.25
N VAL A 191 11.03 15.71 6.45
CA VAL A 191 12.37 16.14 6.82
C VAL A 191 12.60 15.76 8.27
N GLU A 192 13.78 15.19 8.55
CA GLU A 192 14.11 14.74 9.90
C GLU A 192 15.62 14.62 10.00
N ALA A 193 16.09 14.10 11.14
CA ALA A 193 17.50 13.80 11.36
C ALA A 193 18.42 14.99 11.12
N PRO A 194 18.21 16.11 11.80
CA PRO A 194 19.04 17.30 11.55
C PRO A 194 20.34 17.24 12.31
N ASN A 195 21.38 17.80 11.69
CA ASN A 195 22.64 18.05 12.40
C ASN A 195 23.26 19.33 11.86
N ILE A 196 23.74 20.17 12.76
CA ILE A 196 24.25 21.49 12.42
C ILE A 196 25.73 21.55 12.78
N THR A 197 26.52 22.22 11.93
CA THR A 197 27.93 22.42 12.19
C THR A 197 28.35 23.79 11.70
N TYR A 198 29.31 24.39 12.40
CA TYR A 198 29.86 25.69 12.04
C TYR A 198 31.21 25.51 11.35
N LYS A 199 31.42 26.27 10.27
CA LYS A 199 32.71 26.24 9.57
C LYS A 199 32.87 27.53 8.79
N ASP A 200 33.91 28.29 9.11
CA ASP A 200 34.31 29.48 8.38
C ASP A 200 33.14 30.45 8.18
N GLY A 201 32.52 30.82 9.30
CA GLY A 201 31.51 31.84 9.32
C GLY A 201 30.08 31.38 9.09
N TYR A 202 29.90 30.18 8.54
CA TYR A 202 28.56 29.69 8.22
C TYR A 202 28.22 28.46 9.06
N TYR A 203 26.95 28.36 9.44
CA TYR A 203 26.40 27.16 10.05
C TYR A 203 25.75 26.32 8.96
N TYR A 204 26.05 25.02 8.94
CA TYR A 204 25.57 24.11 7.89
C TYR A 204 24.61 23.10 8.50
N LEU A 205 23.33 23.23 8.19
CA LEU A 205 22.31 22.30 8.66
C LEU A 205 22.14 21.19 7.62
N PHE A 206 22.52 19.98 7.98
CA PHE A 206 22.21 18.80 7.18
C PHE A 206 20.90 18.19 7.68
N VAL A 207 20.12 17.64 6.75
CA VAL A 207 18.85 16.99 7.08
C VAL A 207 18.67 15.78 6.18
N SER A 208 17.65 14.99 6.50
CA SER A 208 17.27 13.84 5.70
C SER A 208 15.87 14.07 5.13
N PHE A 209 15.71 13.82 3.83
CA PHE A 209 14.45 14.03 3.15
C PHE A 209 13.73 12.70 2.91
N ASP A 210 12.40 12.76 2.96
CA ASP A 210 11.52 11.69 2.51
C ASP A 210 11.55 10.45 3.41
N SER A 211 11.19 9.28 2.87
CA SER A 211 10.83 8.11 3.66
C SER A 211 12.05 7.24 3.94
N CYS A 212 12.09 6.65 5.14
CA CYS A 212 13.32 6.05 5.64
C CYS A 212 13.30 4.53 5.82
N CYS A 213 12.16 3.93 6.13
CA CYS A 213 12.15 2.54 6.58
C CYS A 213 11.63 1.56 5.54
N LYS A 214 11.76 1.89 4.26
CA LYS A 214 11.29 1.00 3.20
C LYS A 214 12.41 0.15 2.60
N GLY A 215 13.60 0.16 3.19
CA GLY A 215 14.65 -0.75 2.76
C GLY A 215 15.20 -0.37 1.40
N VAL A 216 15.35 -1.37 0.54
CA VAL A 216 15.82 -1.14 -0.83
C VAL A 216 14.98 -0.09 -1.53
N ASP A 217 13.68 -0.04 -1.23
CA ASP A 217 12.75 0.83 -1.92
C ASP A 217 12.56 2.18 -1.23
N SER A 218 13.31 2.48 -0.17
CA SER A 218 13.10 3.71 0.58
C SER A 218 13.64 4.92 -0.17
N THR A 219 12.87 6.00 -0.16
CA THR A 219 13.29 7.27 -0.74
C THR A 219 13.89 8.11 0.38
N TYR A 220 15.20 8.07 0.51
CA TYR A 220 15.88 8.80 1.58
C TYR A 220 17.01 9.59 0.96
N LYS A 221 17.08 10.88 1.27
CA LYS A 221 18.08 11.77 0.71
C LYS A 221 18.74 12.56 1.83
N ILE A 222 19.86 13.20 1.49
CA ILE A 222 20.61 14.05 2.40
C ILE A 222 20.74 15.42 1.76
N ALA A 223 20.22 16.44 2.44
CA ALA A 223 20.22 17.81 1.93
C ALA A 223 20.80 18.74 3.00
N TYR A 224 21.41 19.84 2.54
CA TYR A 224 22.13 20.74 3.43
C TYR A 224 21.77 22.19 3.10
N GLY A 225 22.10 23.07 4.04
CA GLY A 225 21.87 24.50 3.87
C GLY A 225 22.78 25.29 4.79
N ARG A 226 22.94 26.57 4.46
CA ARG A 226 23.84 27.45 5.19
C ARG A 226 23.09 28.64 5.75
N SER A 227 23.64 29.21 6.83
CA SER A 227 23.12 30.44 7.41
C SER A 227 24.24 31.09 8.21
N THR A 228 24.33 32.42 8.10
CA THR A 228 25.32 33.15 8.89
C THR A 228 24.96 33.16 10.37
N SER A 229 23.69 32.98 10.71
CA SER A 229 23.23 32.87 12.08
C SER A 229 22.73 31.46 12.34
N ILE A 230 23.02 30.95 13.54
CA ILE A 230 22.63 29.58 13.89
C ILE A 230 21.13 29.40 13.72
N THR A 231 20.34 30.40 14.12
CA THR A 231 18.90 30.38 13.92
C THR A 231 18.48 31.06 12.62
N GLY A 232 19.41 31.74 11.95
CA GLY A 232 19.10 32.51 10.76
C GLY A 232 18.53 31.67 9.64
N PRO A 233 18.05 32.34 8.58
CA PRO A 233 17.46 31.60 7.46
C PRO A 233 18.50 30.75 6.75
N TYR A 234 18.26 29.44 6.74
CA TYR A 234 19.14 28.51 6.04
C TYR A 234 18.77 28.45 4.57
N TYR A 235 19.77 28.58 3.70
CA TYR A 235 19.55 28.69 2.26
C TYR A 235 20.27 27.59 1.50
N ASP A 236 19.87 27.43 0.24
CA ASP A 236 20.47 26.47 -0.67
C ASP A 236 21.56 27.13 -1.50
N LYS A 237 22.17 26.32 -2.39
CA LYS A 237 22.95 26.90 -3.47
C LYS A 237 22.06 27.70 -4.41
N SER A 238 20.77 27.37 -4.45
CA SER A 238 19.79 28.10 -5.24
C SER A 238 19.22 29.30 -4.52
N GLY A 239 19.48 29.44 -3.22
CA GLY A 239 18.90 30.50 -2.43
C GLY A 239 17.53 30.20 -1.87
N LYS A 240 17.15 28.93 -1.75
CA LYS A 240 15.84 28.56 -1.26
C LYS A 240 15.90 28.32 0.23
N ASN A 241 15.01 28.98 0.98
CA ASN A 241 14.96 28.80 2.42
C ASN A 241 14.56 27.37 2.75
N MET A 242 15.28 26.76 3.69
CA MET A 242 14.95 25.40 4.13
C MET A 242 13.61 25.32 4.83
N MET A 243 13.03 26.46 5.23
CA MET A 243 11.69 26.47 5.79
C MET A 243 10.61 26.33 4.72
N ASN A 244 10.95 26.52 3.45
CA ASN A 244 10.03 26.30 2.35
C ASN A 244 10.41 25.08 1.52
N GLY A 245 11.07 24.11 2.15
CA GLY A 245 11.53 22.92 1.46
C GLY A 245 12.89 23.05 0.82
N GLY A 246 13.63 24.11 1.11
CA GLY A 246 14.95 24.26 0.55
C GLY A 246 15.90 23.17 1.02
N GLY A 247 16.68 22.65 0.09
CA GLY A 247 17.64 21.60 0.38
C GLY A 247 18.40 21.15 -0.85
N THR A 248 19.68 21.50 -0.92
CA THR A 248 20.54 20.99 -1.98
C THR A 248 20.96 19.57 -1.62
N ILE A 249 20.67 18.63 -2.52
CA ILE A 249 20.87 17.21 -2.23
C ILE A 249 22.35 16.88 -2.30
N LEU A 250 22.89 16.35 -1.20
CA LEU A 250 24.27 15.89 -1.17
C LEU A 250 24.41 14.44 -1.60
N ASP A 251 23.39 13.63 -1.37
CA ASP A 251 23.45 12.21 -1.69
C ASP A 251 22.03 11.68 -1.83
N SER A 252 21.70 11.14 -3.00
CA SER A 252 20.43 10.48 -3.22
C SER A 252 20.55 8.97 -3.41
N GLY A 253 21.77 8.44 -3.48
CA GLY A 253 22.00 7.02 -3.59
C GLY A 253 22.57 6.64 -4.94
N ASN A 254 23.03 5.40 -5.01
CA ASN A 254 23.55 4.83 -6.25
C ASN A 254 22.89 3.46 -6.46
N ASP A 255 23.45 2.67 -7.36
CA ASP A 255 22.85 1.37 -7.67
C ASP A 255 22.99 0.39 -6.50
N ARG A 256 24.04 0.52 -5.70
CA ARG A 256 24.27 -0.38 -4.59
C ARG A 256 23.59 0.10 -3.31
N TRP A 257 23.88 1.33 -2.89
CA TRP A 257 23.34 1.89 -1.67
C TRP A 257 22.13 2.74 -1.99
N LYS A 258 20.99 2.40 -1.41
CA LYS A 258 19.73 3.06 -1.70
C LYS A 258 19.22 3.77 -0.45
N GLY A 259 18.62 4.93 -0.65
CA GLY A 259 18.08 5.73 0.42
C GLY A 259 19.04 6.02 1.56
N PRO A 260 20.07 6.82 1.29
CA PRO A 260 20.95 7.24 2.39
C PRO A 260 20.27 8.28 3.26
N GLY A 261 20.61 8.30 4.54
CA GLY A 261 20.01 9.27 5.41
C GLY A 261 20.49 9.13 6.85
N HIS A 262 19.75 9.82 7.73
CA HIS A 262 20.14 10.11 9.11
C HIS A 262 21.64 10.25 9.24
N GLN A 263 22.19 11.29 8.63
CA GLN A 263 23.62 11.53 8.61
C GLN A 263 24.06 12.28 9.87
N ASP A 264 25.38 12.37 10.02
CA ASP A 264 25.98 13.21 11.05
C ASP A 264 27.41 13.49 10.63
N VAL A 265 27.93 14.63 11.07
CA VAL A 265 29.27 15.08 10.69
C VAL A 265 30.14 15.16 11.94
N LEU A 266 31.41 14.80 11.79
CA LEU A 266 32.36 14.81 12.90
C LEU A 266 33.58 15.62 12.49
N ASN A 267 33.92 16.62 13.31
CA ASN A 267 35.15 17.41 13.16
C ASN A 267 35.21 18.11 11.81
N ASN A 268 34.06 18.34 11.17
CA ASN A 268 33.97 19.01 9.89
C ASN A 268 34.82 18.32 8.83
N SER A 269 34.87 16.99 8.87
CA SER A 269 35.72 16.25 7.95
C SER A 269 35.21 14.84 7.69
N ILE A 270 34.19 14.41 8.42
CA ILE A 270 33.69 13.05 8.33
C ILE A 270 32.17 13.07 8.42
N LEU A 271 31.49 12.63 7.36
CA LEU A 271 30.04 12.47 7.35
C LEU A 271 29.72 10.99 7.40
N VAL A 272 29.06 10.56 8.47
CA VAL A 272 28.58 9.20 8.59
C VAL A 272 27.11 9.16 8.21
N ARG A 273 26.59 7.96 7.96
CA ARG A 273 25.35 7.80 7.23
C ARG A 273 24.96 6.33 7.16
N HIS A 274 23.67 6.03 7.24
CA HIS A 274 23.17 4.67 7.03
C HIS A 274 22.49 4.59 5.67
N ALA A 275 22.78 3.51 4.94
CA ALA A 275 22.22 3.28 3.62
C ALA A 275 21.79 1.83 3.51
N TYR A 276 20.89 1.56 2.58
CA TYR A 276 20.25 0.27 2.46
C TYR A 276 20.90 -0.54 1.34
N ASP A 277 21.55 -1.64 1.71
CA ASP A 277 22.34 -2.45 0.79
C ASP A 277 21.42 -3.21 -0.15
N ALA A 278 21.42 -2.82 -1.43
CA ALA A 278 20.61 -3.54 -2.41
C ALA A 278 21.13 -4.93 -2.70
N LEU A 279 22.38 -5.23 -2.32
CA LEU A 279 22.96 -6.55 -2.50
C LEU A 279 22.84 -7.42 -1.25
N ASP A 280 21.98 -7.03 -0.31
CA ASP A 280 21.82 -7.80 0.93
C ASP A 280 20.42 -7.58 1.50
N ASN A 281 19.41 -7.66 0.63
CA ASN A 281 18.00 -7.56 1.03
C ASN A 281 17.66 -6.24 1.71
N GLY A 282 18.47 -5.20 1.51
CA GLY A 282 18.12 -3.88 1.98
C GLY A 282 18.35 -3.61 3.44
N VAL A 283 19.19 -4.40 4.11
CA VAL A 283 19.53 -4.11 5.50
C VAL A 283 20.44 -2.90 5.54
N SER A 284 20.16 -1.99 6.48
CA SER A 284 20.91 -0.73 6.56
C SER A 284 22.31 -0.98 7.10
N LYS A 285 23.31 -0.52 6.36
CA LYS A 285 24.71 -0.64 6.73
C LYS A 285 25.27 0.74 7.10
N LEU A 286 26.53 0.75 7.52
CA LEU A 286 27.22 1.98 7.89
C LEU A 286 28.04 2.47 6.72
N LEU A 287 27.86 3.74 6.35
CA LEU A 287 28.61 4.38 5.29
C LEU A 287 29.28 5.63 5.84
N ILE A 288 30.60 5.69 5.70
CA ILE A 288 31.41 6.79 6.23
C ILE A 288 32.18 7.41 5.08
N ASN A 289 32.15 8.74 5.00
CA ASN A 289 32.87 9.48 3.98
C ASN A 289 33.67 10.60 4.60
N ASP A 290 34.83 10.88 4.02
CA ASP A 290 35.54 12.10 4.32
C ASP A 290 34.82 13.27 3.64
N LEU A 291 34.37 14.24 4.43
CA LEU A 291 33.61 15.36 3.91
C LEU A 291 34.55 16.51 3.55
N TYR A 292 34.38 17.04 2.34
CA TYR A 292 35.18 18.16 1.85
C TYR A 292 34.28 19.35 1.61
N TRP A 293 34.88 20.45 1.17
CA TRP A 293 34.18 21.71 0.97
C TRP A 293 34.71 22.38 -0.28
N ASP A 294 33.81 22.82 -1.16
CA ASP A 294 34.21 23.34 -2.46
C ASP A 294 34.77 24.76 -2.34
N SER A 295 34.88 25.46 -3.47
CA SER A 295 35.42 26.82 -3.46
C SER A 295 34.52 27.80 -2.73
N GLN A 296 33.23 27.48 -2.58
CA GLN A 296 32.30 28.35 -1.88
C GLN A 296 32.01 27.88 -0.47
N GLY A 297 32.74 26.89 0.04
CA GLY A 297 32.53 26.39 1.38
C GLY A 297 31.37 25.43 1.54
N TRP A 298 30.75 24.99 0.45
CA TRP A 298 29.65 24.06 0.55
C TRP A 298 30.17 22.62 0.73
N PRO A 299 29.42 21.79 1.47
CA PRO A 299 29.90 20.41 1.71
C PRO A 299 29.77 19.56 0.46
N THR A 300 30.85 18.86 0.13
CA THR A 300 30.86 17.89 -0.97
C THR A 300 31.65 16.67 -0.52
N TYR A 301 31.49 15.58 -1.27
CA TYR A 301 32.20 14.34 -1.00
C TYR A 301 33.61 14.37 -1.58
N PHE B 12 0.09 -10.56 -6.75
CA PHE B 12 0.18 -10.34 -5.31
C PHE B 12 1.06 -9.14 -4.96
N TRP B 13 1.35 -8.98 -3.67
CA TRP B 13 2.30 -7.98 -3.19
C TRP B 13 3.68 -8.61 -3.24
N ASP B 14 4.55 -8.09 -4.11
CA ASP B 14 5.88 -8.66 -4.28
C ASP B 14 6.70 -8.38 -3.02
N THR B 15 6.72 -9.35 -2.10
CA THR B 15 7.48 -9.20 -0.87
C THR B 15 8.97 -9.36 -1.13
N LYS B 16 9.76 -8.48 -0.54
CA LYS B 16 11.22 -8.55 -0.64
C LYS B 16 11.81 -8.19 0.71
N GLY B 17 13.13 -8.06 0.75
CA GLY B 17 13.85 -7.89 2.01
C GLY B 17 13.97 -9.22 2.73
N ASP B 18 13.77 -9.20 4.05
CA ASP B 18 13.80 -10.43 4.85
C ASP B 18 12.39 -11.01 4.91
N ASN B 19 11.96 -11.55 3.78
CA ASN B 19 10.60 -12.06 3.61
C ASN B 19 10.49 -13.55 3.92
N PHE B 20 11.53 -14.15 4.51
CA PHE B 20 11.43 -15.53 4.94
C PHE B 20 10.43 -15.66 6.08
N ILE B 21 9.56 -16.66 6.01
CA ILE B 21 8.57 -16.90 7.04
C ILE B 21 8.02 -18.30 6.85
N HIS B 22 7.34 -18.81 7.86
CA HIS B 22 6.66 -20.10 7.78
C HIS B 22 5.52 -20.09 8.77
N ASP B 23 4.32 -20.47 8.29
CA ASP B 23 3.10 -20.43 9.08
C ASP B 23 2.82 -19.00 9.56
N PRO B 24 2.52 -18.08 8.65
CA PRO B 24 2.42 -16.66 9.03
C PRO B 24 1.03 -16.26 9.52
N SER B 25 1.01 -15.14 10.23
CA SER B 25 -0.21 -14.47 10.68
C SER B 25 0.04 -12.98 10.62
N ILE B 26 -0.86 -12.23 9.99
CA ILE B 26 -0.63 -10.83 9.62
C ILE B 26 -1.51 -9.91 10.45
N ILE B 27 -0.95 -8.76 10.82
CA ILE B 27 -1.70 -7.70 11.50
C ILE B 27 -0.98 -6.39 11.24
N LYS B 28 -1.70 -5.28 11.38
CA LYS B 28 -1.10 -3.96 11.25
C LYS B 28 -1.43 -3.11 12.46
N GLU B 29 -0.42 -2.44 13.01
CA GLU B 29 -0.58 -1.52 14.13
C GLU B 29 0.13 -0.22 13.78
N GLY B 30 -0.61 0.88 13.79
CA GLY B 30 -0.01 2.16 13.43
C GLY B 30 0.38 2.18 11.97
N ASN B 31 1.66 2.48 11.71
CA ASN B 31 2.19 2.48 10.35
C ASN B 31 2.78 1.15 9.93
N THR B 32 2.94 0.20 10.85
CA THR B 32 3.76 -0.98 10.62
C THR B 32 2.91 -2.23 10.51
N TRP B 33 3.22 -3.05 9.50
CA TRP B 33 2.69 -4.39 9.38
C TRP B 33 3.55 -5.37 10.18
N TYR B 34 2.92 -6.38 10.76
CA TYR B 34 3.60 -7.39 11.55
C TYR B 34 3.18 -8.77 11.07
N THR B 35 4.14 -9.59 10.70
CA THR B 35 3.89 -10.99 10.34
C THR B 35 4.52 -11.88 11.40
N PHE B 36 3.69 -12.54 12.19
CA PHE B 36 4.15 -13.54 13.16
C PHE B 36 4.19 -14.91 12.49
N GLY B 37 5.26 -15.67 12.78
CA GLY B 37 5.43 -16.96 12.16
C GLY B 37 6.13 -17.93 13.09
N THR B 38 6.31 -19.15 12.59
CA THR B 38 7.08 -20.14 13.32
C THR B 38 8.50 -19.65 13.56
N GLY B 39 9.02 -19.92 14.75
CA GLY B 39 10.25 -19.29 15.17
C GLY B 39 11.45 -19.72 14.34
N LEU B 40 12.41 -18.80 14.24
CA LEU B 40 13.70 -19.07 13.61
C LEU B 40 14.73 -19.23 14.73
N GLY B 41 15.19 -20.47 14.93
CA GLY B 41 16.09 -20.76 16.03
C GLY B 41 15.34 -20.97 17.33
N THR B 42 14.88 -19.87 17.92
CA THR B 42 14.14 -19.93 19.17
C THR B 42 12.88 -19.10 19.04
N GLY B 43 11.85 -19.49 19.79
CA GLY B 43 10.72 -18.59 19.97
C GLY B 43 9.80 -18.54 18.77
N LEU B 44 9.29 -17.36 18.49
CA LEU B 44 8.40 -17.10 17.37
C LEU B 44 8.98 -15.96 16.54
N ARG B 45 8.87 -16.07 15.22
CA ARG B 45 9.50 -15.12 14.31
C ARG B 45 8.56 -13.96 14.00
N VAL B 46 9.11 -12.74 14.04
CA VAL B 46 8.36 -11.52 13.75
C VAL B 46 9.14 -10.71 12.73
N ILE B 47 8.47 -10.30 11.67
CA ILE B 47 9.04 -9.38 10.69
C ILE B 47 8.11 -8.19 10.54
N LYS B 48 8.69 -6.99 10.39
CA LYS B 48 7.94 -5.75 10.34
C LYS B 48 8.08 -5.12 8.97
N SER B 49 7.08 -4.31 8.60
CA SER B 49 7.07 -3.64 7.31
C SER B 49 6.25 -2.36 7.40
N THR B 50 6.75 -1.30 6.78
CA THR B 50 6.01 -0.04 6.73
C THR B 50 5.15 0.08 5.48
N ASP B 51 5.55 -0.55 4.38
CA ASP B 51 4.82 -0.47 3.12
C ASP B 51 4.07 -1.74 2.76
N GLY B 52 4.33 -2.86 3.44
CA GLY B 52 3.74 -4.13 3.10
C GLY B 52 4.54 -4.92 2.07
N ARG B 53 5.58 -4.33 1.48
CA ARG B 53 6.40 -5.00 0.48
C ARG B 53 7.80 -5.34 0.99
N ASN B 54 8.45 -4.42 1.70
CA ASN B 54 9.79 -4.64 2.22
C ASN B 54 9.71 -5.04 3.69
N TRP B 55 10.28 -6.20 4.01
CA TRP B 55 10.20 -6.76 5.35
C TRP B 55 11.59 -6.90 5.95
N SER B 56 11.72 -6.51 7.21
CA SER B 56 12.94 -6.68 7.98
C SER B 56 12.60 -7.46 9.25
N ALA B 57 13.61 -8.09 9.82
CA ALA B 57 13.40 -8.92 11.01
C ALA B 57 13.20 -8.06 12.25
N ALA B 58 12.38 -8.57 13.16
CA ALA B 58 12.12 -7.97 14.45
C ALA B 58 12.55 -8.95 15.55
N PRO B 59 12.76 -8.46 16.78
CA PRO B 59 13.13 -9.37 17.86
C PRO B 59 12.10 -10.48 18.05
N SER B 60 12.59 -11.70 18.21
CA SER B 60 11.71 -12.86 18.31
C SER B 60 10.94 -12.85 19.63
N ILE B 61 9.67 -13.26 19.56
CA ILE B 61 8.90 -13.50 20.77
C ILE B 61 9.47 -14.73 21.49
N PHE B 62 9.45 -14.70 22.82
CA PHE B 62 9.97 -15.76 23.67
C PHE B 62 11.41 -16.10 23.33
N PRO B 63 12.36 -15.20 23.58
CA PRO B 63 13.78 -15.56 23.35
C PRO B 63 14.26 -16.67 24.24
N THR B 64 13.60 -16.89 25.38
CA THR B 64 13.89 -17.88 26.39
C THR B 64 12.70 -18.81 26.57
N PRO B 65 12.92 -20.12 26.67
CA PRO B 65 11.79 -21.05 26.84
C PRO B 65 10.99 -20.73 28.09
N LEU B 66 9.74 -21.20 28.09
CA LEU B 66 8.83 -20.96 29.20
C LEU B 66 9.07 -21.98 30.32
N SER B 67 8.57 -21.64 31.50
CA SER B 67 8.75 -22.50 32.66
C SER B 67 7.66 -23.56 32.79
N TRP B 68 6.53 -23.40 32.11
CA TRP B 68 5.44 -24.37 32.18
C TRP B 68 5.27 -25.17 30.89
N TRP B 69 6.06 -24.87 29.85
CA TRP B 69 5.98 -25.66 28.62
C TRP B 69 6.38 -27.11 28.86
N LYS B 70 7.53 -27.32 29.52
CA LYS B 70 7.97 -28.68 29.80
C LYS B 70 7.00 -29.43 30.70
N MET B 71 6.10 -28.71 31.38
CA MET B 71 5.09 -29.35 32.21
C MET B 71 4.08 -30.14 31.37
N TYR B 72 3.85 -29.72 30.13
CA TYR B 72 2.86 -30.34 29.25
C TYR B 72 3.46 -30.94 28.00
N VAL B 73 4.43 -30.29 27.38
CA VAL B 73 5.15 -30.84 26.24
C VAL B 73 6.62 -30.93 26.62
N PRO B 74 7.04 -32.00 27.31
CA PRO B 74 8.42 -32.06 27.78
C PRO B 74 9.45 -32.21 26.67
N ASN B 75 9.05 -32.68 25.49
CA ASN B 75 9.97 -32.89 24.37
C ASN B 75 9.87 -31.78 23.34
N HIS B 76 9.45 -30.59 23.75
CA HIS B 76 9.16 -29.55 22.78
C HIS B 76 10.43 -29.01 22.14
N GLU B 77 10.34 -28.69 20.86
CA GLU B 77 11.48 -28.21 20.10
C GLU B 77 11.86 -26.80 20.53
N PRO B 78 13.08 -26.34 20.22
CA PRO B 78 13.50 -24.99 20.64
C PRO B 78 12.73 -23.87 19.97
N HIS B 79 11.99 -24.13 18.89
CA HIS B 79 11.18 -23.12 18.24
C HIS B 79 9.70 -23.48 18.34
N GLN B 80 8.86 -22.47 18.42
CA GLN B 80 7.42 -22.64 18.53
C GLN B 80 6.77 -22.41 17.16
N TRP B 81 5.56 -22.95 17.01
CA TRP B 81 4.94 -23.07 15.69
C TRP B 81 3.65 -22.27 15.63
N ALA B 82 3.27 -21.91 14.39
CA ALA B 82 1.97 -21.44 13.96
C ALA B 82 1.33 -20.44 14.92
N PRO B 83 1.81 -19.21 14.98
CA PRO B 83 1.16 -18.20 15.81
C PRO B 83 -0.06 -17.62 15.13
N ASP B 84 -0.97 -17.11 15.95
CA ASP B 84 -2.16 -16.39 15.49
C ASP B 84 -2.27 -15.09 16.27
N ILE B 85 -2.06 -13.97 15.58
CA ILE B 85 -2.14 -12.65 16.19
C ILE B 85 -3.47 -12.01 15.80
N SER B 86 -4.09 -11.33 16.77
CA SER B 86 -5.29 -10.56 16.50
C SER B 86 -5.53 -9.61 17.65
N TYR B 87 -6.32 -8.56 17.38
CA TYR B 87 -6.69 -7.56 18.37
C TYR B 87 -8.18 -7.65 18.61
N TYR B 88 -8.57 -7.95 19.85
CA TYR B 88 -9.96 -8.14 20.19
C TYR B 88 -10.17 -7.80 21.66
N ASN B 89 -11.25 -7.07 21.92
CA ASN B 89 -11.61 -6.64 23.28
C ASN B 89 -10.48 -5.80 23.89
N GLY B 90 -9.90 -4.92 23.08
CA GLY B 90 -8.92 -3.97 23.58
C GLY B 90 -7.58 -4.55 23.96
N ARG B 91 -7.17 -5.64 23.30
CA ARG B 91 -5.92 -6.28 23.65
C ARG B 91 -5.49 -7.20 22.50
N TYR B 92 -4.19 -7.41 22.38
CA TYR B 92 -3.63 -8.28 21.35
C TYR B 92 -3.46 -9.69 21.91
N TRP B 93 -3.92 -10.69 21.18
CA TRP B 93 -3.85 -12.08 21.59
C TRP B 93 -2.96 -12.84 20.62
N LEU B 94 -1.99 -13.58 21.16
CA LEU B 94 -1.02 -14.35 20.38
C LEU B 94 -1.10 -15.81 20.83
N TYR B 95 -1.92 -16.59 20.14
CA TYR B 95 -1.95 -18.03 20.34
C TYR B 95 -0.77 -18.67 19.63
N TYR B 96 -0.17 -19.67 20.27
CA TYR B 96 0.99 -20.33 19.70
C TYR B 96 0.96 -21.80 20.11
N SER B 97 1.69 -22.62 19.36
CA SER B 97 1.69 -24.06 19.53
C SER B 97 3.05 -24.54 20.00
N VAL B 98 3.04 -25.40 21.03
CA VAL B 98 4.25 -26.00 21.60
C VAL B 98 4.17 -27.49 21.34
N SER B 99 5.11 -28.03 20.57
CA SER B 99 5.00 -29.40 20.11
C SER B 99 6.35 -29.91 19.62
N SER B 100 6.35 -31.11 19.05
CA SER B 100 7.54 -31.72 18.46
C SER B 100 7.13 -32.36 17.14
N PHE B 101 8.12 -32.53 16.25
CA PHE B 101 7.84 -33.04 14.91
C PHE B 101 7.26 -34.44 14.98
N GLY B 102 6.19 -34.66 14.21
CA GLY B 102 5.57 -35.97 14.14
C GLY B 102 5.03 -36.49 15.45
N SER B 103 4.73 -35.61 16.40
CA SER B 103 4.27 -36.00 17.72
C SER B 103 2.90 -35.38 18.01
N ASN B 104 2.09 -36.13 18.76
CA ASN B 104 0.80 -35.63 19.20
C ASN B 104 0.88 -34.93 20.55
N THR B 105 1.97 -35.12 21.30
CA THR B 105 2.13 -34.40 22.55
C THR B 105 2.32 -32.91 22.30
N SER B 106 1.21 -32.18 22.17
CA SER B 106 1.22 -30.77 21.82
C SER B 106 0.39 -29.98 22.81
N ALA B 107 0.59 -28.66 22.81
CA ALA B 107 -0.16 -27.77 23.66
C ALA B 107 -0.20 -26.40 23.01
N ILE B 108 -1.33 -25.70 23.18
CA ILE B 108 -1.51 -24.35 22.64
C ILE B 108 -1.41 -23.37 23.81
N GLY B 109 -0.49 -22.42 23.70
CA GLY B 109 -0.31 -21.40 24.71
C GLY B 109 -0.86 -20.06 24.26
N LEU B 110 -1.01 -19.16 25.22
CA LEU B 110 -1.59 -17.84 24.98
C LEU B 110 -0.66 -16.78 25.54
N ALA B 111 -0.26 -15.83 24.69
CA ALA B 111 0.46 -14.63 25.10
C ALA B 111 -0.36 -13.41 24.69
N SER B 112 -0.13 -12.30 25.38
CA SER B 112 -0.98 -11.14 25.23
C SER B 112 -0.23 -9.86 25.55
N THR B 113 -0.62 -8.77 24.88
CA THR B 113 -0.06 -7.46 25.14
C THR B 113 -1.06 -6.39 24.73
N ASP B 114 -0.83 -5.17 25.21
CA ASP B 114 -1.72 -4.06 24.88
C ASP B 114 -1.28 -3.30 23.64
N ARG B 115 0.02 -3.28 23.36
CA ARG B 115 0.56 -2.66 22.15
C ARG B 115 1.71 -3.52 21.65
N ILE B 116 1.65 -3.90 20.38
CA ILE B 116 2.68 -4.78 19.81
C ILE B 116 4.05 -4.10 19.86
N SER B 117 4.08 -2.80 19.61
CA SER B 117 5.35 -2.06 19.57
C SER B 117 6.07 -2.05 20.90
N SER B 118 5.42 -2.42 22.00
CA SER B 118 6.07 -2.40 23.30
C SER B 118 7.00 -3.60 23.50
N GLY B 119 6.74 -4.70 22.81
CA GLY B 119 7.56 -5.89 22.95
C GLY B 119 7.41 -6.62 24.26
N GLN B 120 6.59 -6.12 25.18
CA GLN B 120 6.34 -6.81 26.45
C GLN B 120 5.11 -7.69 26.32
N TRP B 121 5.29 -9.00 26.44
CA TRP B 121 4.22 -9.97 26.26
C TRP B 121 3.96 -10.70 27.58
N ARG B 122 2.70 -10.68 28.00
CA ARG B 122 2.29 -11.39 29.21
C ARG B 122 1.99 -12.85 28.88
N ASP B 123 2.38 -13.74 29.80
CA ASP B 123 2.12 -15.16 29.66
C ASP B 123 0.78 -15.48 30.30
N ASP B 124 -0.22 -15.80 29.47
CA ASP B 124 -1.56 -16.11 29.96
C ASP B 124 -1.77 -17.59 30.25
N GLY B 125 -0.80 -18.44 29.95
CA GLY B 125 -0.86 -19.83 30.33
C GLY B 125 -1.32 -20.74 29.20
N LEU B 126 -1.76 -21.93 29.62
CA LEU B 126 -2.14 -22.98 28.68
C LEU B 126 -3.56 -22.77 28.17
N VAL B 127 -3.78 -23.10 26.90
CA VAL B 127 -5.10 -23.00 26.29
C VAL B 127 -5.74 -24.38 26.24
N ILE B 128 -5.09 -25.32 25.55
CA ILE B 128 -5.61 -26.68 25.40
C ILE B 128 -4.45 -27.59 25.02
N ARG B 129 -4.48 -28.80 25.55
CA ARG B 129 -3.43 -29.79 25.34
C ARG B 129 -3.97 -30.99 24.57
N SER B 130 -3.06 -31.71 23.92
CA SER B 130 -3.35 -33.00 23.30
C SER B 130 -2.24 -33.97 23.66
N THR B 131 -2.61 -35.17 24.07
CA THR B 131 -1.66 -36.22 24.40
C THR B 131 -1.76 -37.35 23.38
N SER B 132 -1.06 -38.46 23.66
CA SER B 132 -1.06 -39.58 22.73
C SER B 132 -2.42 -40.24 22.66
N GLY B 133 -3.17 -40.26 23.77
CA GLY B 133 -4.51 -40.82 23.75
C GLY B 133 -5.51 -40.00 22.96
N ASP B 134 -5.25 -38.71 22.78
CA ASP B 134 -6.17 -37.85 22.06
C ASP B 134 -6.11 -38.15 20.56
N GLN B 135 -7.21 -37.83 19.88
CA GLN B 135 -7.33 -38.06 18.44
C GLN B 135 -7.24 -36.77 17.64
N PHE B 136 -6.73 -35.70 18.25
CA PHE B 136 -6.46 -34.45 17.56
C PHE B 136 -5.05 -34.00 17.91
N ASN B 137 -4.60 -32.95 17.24
CA ASN B 137 -3.27 -32.37 17.48
C ASN B 137 -3.45 -30.91 17.83
N ALA B 138 -3.12 -30.55 19.07
CA ALA B 138 -3.33 -29.18 19.57
C ALA B 138 -2.21 -28.27 19.07
N ILE B 139 -2.24 -28.02 17.75
CA ILE B 139 -1.39 -27.02 17.11
C ILE B 139 -2.25 -26.25 16.12
N ASP B 140 -1.61 -25.30 15.42
CA ASP B 140 -2.27 -24.42 14.44
C ASP B 140 -3.51 -23.77 15.03
N PRO B 141 -3.38 -22.88 16.02
CA PRO B 141 -4.55 -22.22 16.59
C PRO B 141 -4.95 -20.99 15.78
N ASP B 142 -6.22 -20.62 15.92
CA ASP B 142 -6.74 -19.44 15.24
C ASP B 142 -7.95 -18.91 15.97
N LEU B 143 -7.91 -17.64 16.37
CA LEU B 143 -9.05 -16.97 17.01
C LEU B 143 -9.99 -16.42 15.95
N VAL B 144 -11.29 -16.64 16.14
CA VAL B 144 -12.32 -16.07 15.29
C VAL B 144 -13.43 -15.55 16.20
N ILE B 145 -13.99 -14.40 15.83
CA ILE B 145 -15.00 -13.72 16.65
C ILE B 145 -16.37 -13.93 16.04
N ASP B 146 -17.36 -14.18 16.90
CA ASP B 146 -18.72 -14.44 16.48
C ASP B 146 -19.30 -13.27 15.68
N LYS B 147 -20.41 -13.57 14.98
CA LYS B 147 -21.27 -12.51 14.47
C LYS B 147 -21.93 -11.72 15.59
N ASP B 148 -21.80 -12.18 16.84
CA ASP B 148 -22.29 -11.48 18.00
C ASP B 148 -21.19 -10.83 18.83
N GLY B 149 -19.92 -11.05 18.48
CA GLY B 149 -18.83 -10.46 19.22
C GLY B 149 -18.19 -11.33 20.27
N ASN B 150 -18.37 -12.66 20.19
CA ASN B 150 -17.81 -13.59 21.14
C ASN B 150 -16.70 -14.42 20.50
N PRO B 151 -15.69 -14.83 21.27
CA PRO B 151 -14.54 -15.52 20.69
C PRO B 151 -14.73 -17.03 20.55
N TRP B 152 -14.11 -17.57 19.50
CA TRP B 152 -14.00 -19.01 19.28
C TRP B 152 -12.59 -19.32 18.82
N LEU B 153 -12.14 -20.55 19.08
CA LEU B 153 -10.82 -21.00 18.70
C LEU B 153 -10.93 -22.24 17.83
N SER B 154 -10.29 -22.20 16.66
CA SER B 154 -10.19 -23.36 15.77
C SER B 154 -8.74 -23.81 15.70
N PHE B 155 -8.53 -25.13 15.69
CA PHE B 155 -7.19 -25.70 15.69
C PHE B 155 -7.26 -27.09 15.09
N GLY B 156 -6.10 -27.75 15.03
CA GLY B 156 -6.05 -29.12 14.56
C GLY B 156 -5.07 -29.36 13.44
N SER B 157 -4.53 -30.58 13.38
CA SER B 157 -3.61 -30.95 12.32
C SER B 157 -3.59 -32.46 12.23
N PHE B 158 -3.98 -33.00 11.07
CA PHE B 158 -4.05 -34.44 10.85
C PHE B 158 -4.91 -35.12 11.91
N TRP B 159 -4.70 -36.42 12.10
CA TRP B 159 -5.47 -37.24 13.05
C TRP B 159 -6.95 -37.09 12.68
N SER B 160 -7.81 -36.63 13.58
CA SER B 160 -9.23 -36.51 13.26
C SER B 160 -9.54 -35.26 12.45
N GLY B 161 -8.69 -34.23 12.51
CA GLY B 161 -8.81 -33.07 11.63
C GLY B 161 -8.95 -31.78 12.42
N ILE B 162 -9.80 -30.89 11.92
CA ILE B 162 -9.92 -29.53 12.44
C ILE B 162 -11.03 -29.48 13.49
N LYS B 163 -10.71 -28.92 14.65
CA LYS B 163 -11.63 -28.82 15.77
C LYS B 163 -11.93 -27.36 16.08
N LEU B 164 -13.08 -27.14 16.69
CA LEU B 164 -13.55 -25.80 17.02
C LEU B 164 -14.16 -25.77 18.41
N THR B 165 -13.75 -24.79 19.21
CA THR B 165 -14.28 -24.60 20.55
C THR B 165 -14.67 -23.14 20.75
N ARG B 166 -15.57 -22.93 21.70
CA ARG B 166 -15.92 -21.58 22.14
C ARG B 166 -14.95 -21.11 23.21
N LEU B 167 -14.80 -19.81 23.32
CA LEU B 167 -13.89 -19.21 24.29
C LEU B 167 -14.67 -18.24 25.18
N ASP B 168 -14.20 -18.07 26.41
CA ASP B 168 -14.74 -17.07 27.30
C ASP B 168 -14.09 -15.72 27.04
N LYS B 169 -14.89 -14.65 27.13
CA LYS B 169 -14.36 -13.32 26.83
C LYS B 169 -13.27 -12.91 27.82
N ASN B 170 -13.37 -13.34 29.08
CA ASN B 170 -12.40 -12.93 30.09
C ASN B 170 -11.12 -13.75 30.00
N THR B 171 -11.22 -15.05 30.25
CA THR B 171 -10.04 -15.90 30.29
C THR B 171 -9.41 -16.10 28.92
N MET B 172 -10.20 -15.95 27.84
CA MET B 172 -9.75 -16.31 26.49
C MET B 172 -9.27 -17.76 26.44
N LYS B 173 -9.97 -18.63 27.17
CA LYS B 173 -9.66 -20.05 27.27
C LYS B 173 -10.91 -20.85 26.98
N PRO B 174 -10.75 -22.11 26.54
CA PRO B 174 -11.90 -22.87 26.04
C PRO B 174 -12.96 -23.10 27.11
N THR B 175 -14.22 -23.07 26.68
CA THR B 175 -15.36 -23.52 27.47
C THR B 175 -16.19 -24.48 26.62
N GLY B 176 -17.13 -25.16 27.26
CA GLY B 176 -17.94 -26.12 26.55
C GLY B 176 -17.11 -27.26 25.99
N SER B 177 -17.65 -27.90 24.96
CA SER B 177 -16.99 -29.02 24.29
C SER B 177 -16.46 -28.59 22.93
N LEU B 178 -15.54 -29.40 22.40
CA LEU B 178 -14.98 -29.12 21.09
C LEU B 178 -15.89 -29.63 20.00
N TYR B 179 -15.97 -28.87 18.91
CA TYR B 179 -16.75 -29.24 17.73
C TYR B 179 -15.82 -29.55 16.57
N SER B 180 -16.16 -30.57 15.80
CA SER B 180 -15.38 -30.98 14.64
C SER B 180 -15.98 -30.38 13.38
N ILE B 181 -15.15 -29.70 12.58
CA ILE B 181 -15.64 -28.97 11.42
C ILE B 181 -14.96 -29.38 10.12
N ALA B 182 -13.79 -30.02 10.16
CA ALA B 182 -13.09 -30.39 8.93
C ALA B 182 -12.25 -31.63 9.16
N SER B 183 -12.29 -32.55 8.19
CA SER B 183 -11.58 -33.81 8.27
C SER B 183 -11.55 -34.45 6.89
N ARG B 184 -10.50 -35.23 6.62
CA ARG B 184 -10.35 -35.97 5.37
C ARG B 184 -10.06 -37.42 5.71
N PRO B 185 -11.10 -38.21 5.99
CA PRO B 185 -10.85 -39.62 6.34
C PRO B 185 -10.32 -40.44 5.18
N ASN B 186 -10.72 -40.16 3.95
CA ASN B 186 -10.25 -40.89 2.78
C ASN B 186 -9.02 -40.28 2.15
N ASN B 187 -8.31 -39.38 2.85
CA ASN B 187 -7.14 -38.73 2.30
C ASN B 187 -6.01 -38.64 3.30
N GLY B 188 -5.94 -39.60 4.24
CA GLY B 188 -4.91 -39.60 5.26
C GLY B 188 -5.01 -38.51 6.29
N GLY B 189 -6.16 -37.85 6.41
CA GLY B 189 -6.31 -36.78 7.38
C GLY B 189 -5.49 -35.54 7.11
N ALA B 190 -4.93 -35.41 5.90
CA ALA B 190 -4.02 -34.32 5.56
C ALA B 190 -4.81 -33.02 5.47
N VAL B 191 -5.01 -32.38 6.61
CA VAL B 191 -5.65 -31.07 6.70
C VAL B 191 -5.20 -30.42 8.01
N GLU B 192 -4.79 -29.17 7.93
CA GLU B 192 -4.26 -28.45 9.09
C GLU B 192 -4.37 -26.96 8.82
N ALA B 193 -3.81 -26.18 9.74
CA ALA B 193 -3.71 -24.72 9.66
C ALA B 193 -5.06 -24.05 9.41
N PRO B 194 -6.04 -24.22 10.28
CA PRO B 194 -7.35 -23.63 10.01
C PRO B 194 -7.44 -22.18 10.45
N ASN B 195 -8.25 -21.41 9.72
CA ASN B 195 -8.64 -20.08 10.16
C ASN B 195 -10.04 -19.79 9.64
N ILE B 196 -10.89 -19.28 10.51
CA ILE B 196 -12.30 -19.01 10.20
C ILE B 196 -12.52 -17.51 10.21
N THR B 197 -13.36 -17.04 9.29
CA THR B 197 -13.77 -15.64 9.25
C THR B 197 -15.23 -15.58 8.81
N TYR B 198 -15.92 -14.54 9.27
CA TYR B 198 -17.33 -14.34 8.99
C TYR B 198 -17.50 -13.12 8.10
N LYS B 199 -18.34 -13.24 7.07
CA LYS B 199 -18.61 -12.11 6.19
C LYS B 199 -19.94 -12.30 5.49
N ASP B 200 -20.84 -11.33 5.66
CA ASP B 200 -22.13 -11.28 4.95
C ASP B 200 -22.93 -12.57 5.13
N GLY B 201 -22.99 -13.06 6.36
CA GLY B 201 -23.89 -14.13 6.73
C GLY B 201 -23.29 -15.53 6.75
N TYR B 202 -22.11 -15.71 6.18
CA TYR B 202 -21.49 -17.03 6.12
C TYR B 202 -20.15 -17.03 6.86
N TYR B 203 -19.91 -18.11 7.60
CA TYR B 203 -18.60 -18.37 8.18
C TYR B 203 -17.77 -19.14 7.18
N TYR B 204 -16.56 -18.65 6.89
CA TYR B 204 -15.66 -19.27 5.93
C TYR B 204 -14.47 -19.87 6.67
N LEU B 205 -14.28 -21.17 6.53
CA LEU B 205 -13.17 -21.88 7.16
C LEU B 205 -12.11 -22.19 6.12
N PHE B 206 -10.93 -21.60 6.26
CA PHE B 206 -9.79 -21.86 5.41
C PHE B 206 -8.88 -22.90 6.06
N VAL B 207 -8.49 -23.91 5.29
CA VAL B 207 -7.60 -24.96 5.78
C VAL B 207 -6.51 -25.20 4.74
N SER B 208 -5.50 -25.97 5.14
CA SER B 208 -4.39 -26.34 4.27
C SER B 208 -4.39 -27.84 4.07
N PHE B 209 -4.39 -28.27 2.82
CA PHE B 209 -4.47 -29.69 2.47
C PHE B 209 -3.09 -30.24 2.14
N ASP B 210 -2.94 -31.55 2.37
CA ASP B 210 -1.79 -32.34 1.96
C ASP B 210 -0.52 -31.97 2.73
N SER B 211 0.65 -32.25 2.15
CA SER B 211 1.91 -32.30 2.88
C SER B 211 2.65 -30.97 2.80
N CYS B 212 3.19 -30.53 3.94
CA CYS B 212 3.62 -29.14 4.04
C CYS B 212 5.10 -28.92 3.69
N CYS B 213 6.00 -29.58 4.40
CA CYS B 213 7.40 -29.13 4.37
C CYS B 213 8.33 -30.02 3.56
N LYS B 214 7.94 -30.34 2.33
CA LYS B 214 8.83 -31.03 1.39
C LYS B 214 9.55 -30.06 0.46
N GLY B 215 9.63 -28.79 0.83
CA GLY B 215 10.32 -27.82 -0.02
C GLY B 215 9.59 -27.60 -1.33
N VAL B 216 10.32 -27.68 -2.43
CA VAL B 216 9.71 -27.51 -3.75
C VAL B 216 8.81 -28.68 -4.08
N ASP B 217 9.11 -29.87 -3.55
CA ASP B 217 8.31 -31.07 -3.77
C ASP B 217 7.12 -31.18 -2.82
N SER B 218 6.73 -30.09 -2.17
CA SER B 218 5.67 -30.11 -1.19
C SER B 218 4.33 -29.79 -1.85
N THR B 219 3.35 -30.66 -1.62
CA THR B 219 1.99 -30.47 -2.11
C THR B 219 1.16 -29.82 -1.01
N TYR B 220 0.94 -28.52 -1.12
CA TYR B 220 0.22 -27.78 -0.11
C TYR B 220 -0.85 -26.95 -0.81
N LYS B 221 -2.07 -27.01 -0.30
CA LYS B 221 -3.20 -26.39 -0.97
C LYS B 221 -4.05 -25.64 0.04
N ILE B 222 -4.59 -24.50 -0.38
CA ILE B 222 -5.53 -23.73 0.42
C ILE B 222 -6.93 -24.14 0.01
N ALA B 223 -7.70 -24.66 0.97
CA ALA B 223 -9.08 -25.09 0.74
C ALA B 223 -10.01 -24.37 1.71
N TYR B 224 -11.24 -24.11 1.25
CA TYR B 224 -12.20 -23.34 2.03
C TYR B 224 -13.59 -23.97 1.96
N GLY B 225 -14.44 -23.55 2.89
CA GLY B 225 -15.84 -23.96 2.94
C GLY B 225 -16.62 -22.92 3.70
N ARG B 226 -17.95 -23.03 3.61
CA ARG B 226 -18.85 -22.05 4.20
C ARG B 226 -19.89 -22.72 5.08
N SER B 227 -20.42 -21.94 6.03
CA SER B 227 -21.49 -22.40 6.90
C SER B 227 -22.15 -21.18 7.53
N THR B 228 -23.49 -21.19 7.56
CA THR B 228 -24.21 -20.14 8.26
C THR B 228 -24.02 -20.21 9.76
N SER B 229 -23.65 -21.38 10.28
CA SER B 229 -23.36 -21.58 11.69
C SER B 229 -21.87 -21.78 11.88
N ILE B 230 -21.31 -21.18 12.92
CA ILE B 230 -19.87 -21.29 13.18
C ILE B 230 -19.47 -22.74 13.39
N THR B 231 -20.34 -23.52 14.04
CA THR B 231 -20.11 -24.94 14.26
C THR B 231 -20.81 -25.82 13.24
N GLY B 232 -21.77 -25.27 12.50
CA GLY B 232 -22.55 -26.05 11.55
C GLY B 232 -21.70 -26.67 10.48
N PRO B 233 -22.29 -27.55 9.67
CA PRO B 233 -21.51 -28.24 8.63
C PRO B 233 -21.05 -27.26 7.57
N TYR B 234 -19.77 -27.36 7.21
CA TYR B 234 -19.16 -26.54 6.17
C TYR B 234 -19.16 -27.31 4.85
N TYR B 235 -19.43 -26.61 3.75
CA TYR B 235 -19.62 -27.25 2.46
C TYR B 235 -18.77 -26.58 1.38
N ASP B 236 -18.59 -27.29 0.28
CA ASP B 236 -17.82 -26.85 -0.87
C ASP B 236 -18.67 -26.06 -1.85
N LYS B 237 -17.99 -25.52 -2.87
CA LYS B 237 -18.70 -25.11 -4.09
C LYS B 237 -19.44 -26.30 -4.69
N SER B 238 -18.76 -27.44 -4.78
CA SER B 238 -19.42 -28.67 -5.16
C SER B 238 -20.41 -29.16 -4.11
N GLY B 239 -20.33 -28.65 -2.89
CA GLY B 239 -21.26 -29.04 -1.84
C GLY B 239 -20.84 -30.22 -1.00
N LYS B 240 -19.54 -30.57 -1.00
CA LYS B 240 -19.07 -31.68 -0.19
C LYS B 240 -18.78 -31.20 1.23
N ASN B 241 -19.25 -31.95 2.22
CA ASN B 241 -19.02 -31.59 3.61
C ASN B 241 -17.53 -31.64 3.93
N MET B 242 -17.04 -30.61 4.64
CA MET B 242 -15.62 -30.54 4.95
C MET B 242 -15.19 -31.65 5.90
N MET B 243 -16.12 -32.24 6.66
CA MET B 243 -15.80 -33.39 7.48
C MET B 243 -15.68 -34.68 6.69
N ASN B 244 -16.11 -34.69 5.43
CA ASN B 244 -15.91 -35.81 4.51
C ASN B 244 -14.89 -35.46 3.44
N GLY B 245 -13.84 -34.73 3.82
CA GLY B 245 -12.83 -34.33 2.88
C GLY B 245 -13.18 -33.14 2.03
N GLY B 246 -14.16 -32.34 2.44
CA GLY B 246 -14.59 -31.21 1.63
C GLY B 246 -13.58 -30.06 1.67
N GLY B 247 -13.41 -29.42 0.52
CA GLY B 247 -12.52 -28.30 0.39
C GLY B 247 -12.30 -27.86 -1.05
N THR B 248 -12.79 -26.67 -1.39
CA THR B 248 -12.53 -26.11 -2.72
C THR B 248 -11.15 -25.43 -2.71
N ILE B 249 -10.28 -25.83 -3.63
CA ILE B 249 -8.91 -25.35 -3.63
C ILE B 249 -8.88 -23.90 -4.10
N LEU B 250 -8.36 -23.01 -3.25
CA LEU B 250 -8.20 -21.61 -3.65
C LEU B 250 -6.87 -21.40 -4.35
N ASP B 251 -5.82 -22.08 -3.89
CA ASP B 251 -4.48 -21.89 -4.43
C ASP B 251 -3.68 -23.16 -4.22
N SER B 252 -3.11 -23.70 -5.30
CA SER B 252 -2.23 -24.85 -5.22
C SER B 252 -0.82 -24.56 -5.74
N GLY B 253 -0.54 -23.34 -6.16
CA GLY B 253 0.78 -22.92 -6.57
C GLY B 253 0.84 -22.52 -8.03
N ASN B 254 2.05 -22.16 -8.45
CA ASN B 254 2.31 -21.83 -9.85
C ASN B 254 3.70 -22.35 -10.19
N ASP B 255 4.34 -21.74 -11.19
CA ASP B 255 5.67 -22.19 -11.62
C ASP B 255 6.73 -21.83 -10.59
N ARG B 256 6.64 -20.64 -9.99
CA ARG B 256 7.62 -20.19 -9.01
C ARG B 256 7.29 -20.69 -7.60
N TRP B 257 6.13 -20.34 -7.08
CA TRP B 257 5.75 -20.68 -5.72
C TRP B 257 5.02 -22.02 -5.71
N LYS B 258 5.58 -22.98 -4.96
CA LYS B 258 5.01 -24.31 -4.85
C LYS B 258 4.45 -24.50 -3.45
N GLY B 259 3.34 -25.22 -3.35
CA GLY B 259 2.74 -25.57 -2.09
C GLY B 259 2.44 -24.40 -1.18
N PRO B 260 1.49 -23.55 -1.55
CA PRO B 260 1.04 -22.49 -0.64
C PRO B 260 0.22 -23.08 0.49
N GLY B 261 0.32 -22.46 1.66
CA GLY B 261 -0.39 -23.02 2.81
C GLY B 261 -0.16 -22.21 4.07
N HIS B 262 -0.74 -22.74 5.14
CA HIS B 262 -0.84 -22.06 6.43
C HIS B 262 -1.23 -20.60 6.26
N GLN B 263 -2.42 -20.42 5.70
CA GLN B 263 -2.96 -19.11 5.38
C GLN B 263 -3.55 -18.44 6.62
N ASP B 264 -3.82 -17.15 6.50
CA ASP B 264 -4.55 -16.40 7.51
C ASP B 264 -5.17 -15.19 6.82
N VAL B 265 -6.29 -14.73 7.35
CA VAL B 265 -7.03 -13.62 6.77
C VAL B 265 -7.04 -12.45 7.73
N LEU B 266 -7.03 -11.24 7.17
CA LEU B 266 -7.06 -10.01 7.94
C LEU B 266 -8.08 -9.07 7.30
N ASN B 267 -9.08 -8.66 8.07
CA ASN B 267 -10.10 -7.70 7.64
C ASN B 267 -10.87 -8.16 6.41
N ASN B 268 -10.92 -9.47 6.17
CA ASN B 268 -11.67 -10.05 5.05
C ASN B 268 -11.26 -9.43 3.71
N SER B 269 -9.98 -9.07 3.59
CA SER B 269 -9.53 -8.35 2.41
C SER B 269 -8.06 -8.67 2.12
N ILE B 270 -7.40 -9.34 3.05
CA ILE B 270 -5.97 -9.65 2.96
C ILE B 270 -5.76 -11.08 3.39
N LEU B 271 -5.13 -11.88 2.53
CA LEU B 271 -4.81 -13.28 2.83
C LEU B 271 -3.30 -13.44 2.73
N VAL B 272 -2.68 -13.85 3.83
CA VAL B 272 -1.27 -14.16 3.84
C VAL B 272 -1.11 -15.68 3.82
N ARG B 273 0.12 -16.13 3.61
CA ARG B 273 0.44 -17.53 3.39
C ARG B 273 1.96 -17.60 3.25
N HIS B 274 2.51 -18.79 3.39
CA HIS B 274 3.87 -19.04 3.00
C HIS B 274 3.88 -19.98 1.79
N ALA B 275 4.91 -19.83 0.97
CA ALA B 275 5.13 -20.68 -0.18
C ALA B 275 6.62 -20.91 -0.34
N TYR B 276 6.98 -22.04 -0.93
CA TYR B 276 8.37 -22.47 -1.04
C TYR B 276 8.93 -22.01 -2.38
N ASP B 277 9.90 -21.10 -2.33
CA ASP B 277 10.44 -20.47 -3.53
C ASP B 277 11.29 -21.47 -4.31
N ALA B 278 10.78 -21.91 -5.47
CA ALA B 278 11.53 -22.84 -6.30
C ALA B 278 12.77 -22.19 -6.91
N LEU B 279 12.86 -20.86 -6.92
CA LEU B 279 14.03 -20.15 -7.40
C LEU B 279 14.97 -19.77 -6.27
N ASP B 280 14.75 -20.28 -5.06
CA ASP B 280 15.66 -20.05 -3.94
C ASP B 280 15.73 -21.30 -3.08
N ASN B 281 15.93 -22.45 -3.72
CA ASN B 281 16.16 -23.74 -3.05
C ASN B 281 15.00 -24.13 -2.12
N GLY B 282 13.78 -23.72 -2.47
CA GLY B 282 12.61 -24.16 -1.74
C GLY B 282 12.37 -23.50 -0.40
N VAL B 283 13.09 -22.44 -0.07
CA VAL B 283 12.86 -21.75 1.20
C VAL B 283 11.48 -21.12 1.18
N SER B 284 10.81 -21.15 2.34
CA SER B 284 9.46 -20.61 2.44
C SER B 284 9.51 -19.10 2.57
N LYS B 285 8.74 -18.40 1.74
CA LYS B 285 8.68 -16.96 1.73
C LYS B 285 7.27 -16.50 2.06
N LEU B 286 7.12 -15.20 2.27
CA LEU B 286 5.84 -14.59 2.60
C LEU B 286 5.16 -14.09 1.33
N LEU B 287 3.91 -14.53 1.11
CA LEU B 287 3.11 -14.08 -0.02
C LEU B 287 1.79 -13.53 0.50
N ILE B 288 1.42 -12.34 0.06
CA ILE B 288 0.21 -11.67 0.49
C ILE B 288 -0.61 -11.31 -0.75
N ASN B 289 -1.92 -11.54 -0.66
CA ASN B 289 -2.84 -11.21 -1.75
C ASN B 289 -4.07 -10.49 -1.18
N ASP B 290 -4.61 -9.57 -1.97
CA ASP B 290 -5.92 -9.03 -1.66
C ASP B 290 -6.95 -10.15 -1.75
N LEU B 291 -7.86 -10.20 -0.78
CA LEU B 291 -8.89 -11.22 -0.76
C LEU B 291 -10.20 -10.64 -1.25
N TYR B 292 -10.77 -11.25 -2.28
CA TYR B 292 -12.05 -10.83 -2.83
C TYR B 292 -13.07 -11.96 -2.66
N TRP B 293 -14.30 -11.70 -3.12
CA TRP B 293 -15.39 -12.66 -3.05
C TRP B 293 -16.21 -12.53 -4.32
N ASP B 294 -16.46 -13.67 -4.98
CA ASP B 294 -17.10 -13.62 -6.30
C ASP B 294 -18.60 -13.39 -6.20
N SER B 295 -19.32 -13.74 -7.27
CA SER B 295 -20.76 -13.47 -7.33
C SER B 295 -21.57 -14.36 -6.41
N GLN B 296 -21.00 -15.49 -5.97
CA GLN B 296 -21.69 -16.41 -5.07
C GLN B 296 -21.27 -16.23 -3.62
N GLY B 297 -20.35 -15.31 -3.34
CA GLY B 297 -19.84 -15.11 -2.00
C GLY B 297 -18.61 -15.92 -1.65
N TRP B 298 -18.05 -16.65 -2.60
CA TRP B 298 -16.90 -17.51 -2.34
C TRP B 298 -15.60 -16.71 -2.46
N PRO B 299 -14.57 -17.08 -1.69
CA PRO B 299 -13.31 -16.33 -1.75
C PRO B 299 -12.58 -16.56 -3.07
N THR B 300 -12.03 -15.48 -3.61
CA THR B 300 -11.17 -15.53 -4.79
C THR B 300 -10.03 -14.52 -4.60
N TYR B 301 -9.00 -14.67 -5.42
CA TYR B 301 -7.93 -13.68 -5.48
C TYR B 301 -8.37 -12.50 -6.34
N PHE C 12 -0.99 9.73 7.41
CA PHE C 12 -2.00 8.99 6.65
C PHE C 12 -1.54 8.69 5.22
N TRP C 13 -2.47 8.24 4.38
CA TRP C 13 -2.20 8.07 2.96
C TRP C 13 -2.13 9.45 2.32
N ASP C 14 -0.94 9.86 1.86
CA ASP C 14 -0.79 11.15 1.20
C ASP C 14 -1.17 10.98 -0.26
N THR C 15 -2.31 11.55 -0.65
CA THR C 15 -2.81 11.40 -2.01
C THR C 15 -2.11 12.38 -2.96
N LYS C 16 -1.94 11.95 -4.20
CA LYS C 16 -1.30 12.76 -5.23
C LYS C 16 -2.05 12.56 -6.55
N GLY C 17 -1.63 13.31 -7.57
CA GLY C 17 -2.29 13.26 -8.87
C GLY C 17 -3.58 14.05 -8.88
N ASP C 18 -4.60 13.52 -9.56
CA ASP C 18 -5.91 14.15 -9.58
C ASP C 18 -6.71 13.66 -8.37
N ASN C 19 -6.28 14.13 -7.20
CA ASN C 19 -6.85 13.72 -5.93
C ASN C 19 -8.02 14.59 -5.49
N PHE C 20 -8.53 15.45 -6.37
CA PHE C 20 -9.71 16.23 -6.05
C PHE C 20 -10.92 15.32 -5.91
N ILE C 21 -11.72 15.58 -4.88
CA ILE C 21 -12.92 14.78 -4.61
C ILE C 21 -13.83 15.54 -3.67
N HIS C 22 -15.08 15.09 -3.56
CA HIS C 22 -16.01 15.65 -2.58
C HIS C 22 -17.04 14.59 -2.26
N ASP C 23 -17.25 14.32 -0.97
CA ASP C 23 -18.16 13.30 -0.48
C ASP C 23 -17.77 11.92 -1.00
N PRO C 24 -16.61 11.39 -0.59
CA PRO C 24 -16.07 10.19 -1.22
C PRO C 24 -16.61 8.89 -0.63
N SER C 25 -16.48 7.83 -1.43
CA SER C 25 -16.79 6.46 -1.03
C SER C 25 -15.78 5.55 -1.72
N ILE C 26 -15.11 4.70 -0.93
CA ILE C 26 -13.93 3.99 -1.39
C ILE C 26 -14.25 2.50 -1.56
N ILE C 27 -13.62 1.89 -2.56
CA ILE C 27 -13.68 0.45 -2.77
C ILE C 27 -12.55 0.06 -3.69
N LYS C 28 -12.11 -1.19 -3.61
CA LYS C 28 -11.07 -1.72 -4.49
C LYS C 28 -11.58 -2.95 -5.20
N GLU C 29 -11.38 -3.01 -6.51
CA GLU C 29 -11.71 -4.18 -7.32
C GLU C 29 -10.46 -4.55 -8.11
N GLY C 30 -9.99 -5.78 -7.91
CA GLY C 30 -8.74 -6.18 -8.54
C GLY C 30 -7.59 -5.35 -8.03
N ASN C 31 -6.81 -4.79 -8.96
CA ASN C 31 -5.67 -3.96 -8.62
C ASN C 31 -6.02 -2.49 -8.45
N THR C 32 -7.24 -2.09 -8.80
CA THR C 32 -7.60 -0.67 -8.90
C THR C 32 -8.49 -0.26 -7.74
N TRP C 33 -8.07 0.79 -7.03
CA TRP C 33 -8.93 1.45 -6.07
C TRP C 33 -9.85 2.43 -6.79
N TYR C 34 -11.10 2.49 -6.36
CA TYR C 34 -12.09 3.40 -6.93
C TYR C 34 -12.67 4.27 -5.83
N THR C 35 -12.71 5.57 -6.07
CA THR C 35 -13.34 6.53 -5.15
C THR C 35 -14.47 7.23 -5.89
N PHE C 36 -15.70 6.94 -5.50
CA PHE C 36 -16.87 7.61 -6.04
C PHE C 36 -17.14 8.89 -5.26
N GLY C 37 -17.45 9.97 -5.97
CA GLY C 37 -17.67 11.24 -5.31
C GLY C 37 -18.73 12.05 -6.01
N THR C 38 -19.14 13.14 -5.34
CA THR C 38 -20.04 14.11 -5.95
C THR C 38 -19.52 14.54 -7.31
N GLY C 39 -20.42 14.65 -8.27
CA GLY C 39 -20.01 14.86 -9.65
C GLY C 39 -19.28 16.18 -9.85
N LEU C 40 -18.31 16.15 -10.76
CA LEU C 40 -17.62 17.34 -11.23
C LEU C 40 -18.23 17.71 -12.57
N GLY C 41 -19.14 18.69 -12.55
CA GLY C 41 -19.83 19.11 -13.76
C GLY C 41 -21.16 18.40 -13.97
N THR C 42 -21.10 17.10 -14.25
CA THR C 42 -22.29 16.31 -14.50
C THR C 42 -22.13 14.94 -13.84
N GLY C 43 -23.23 14.41 -13.34
CA GLY C 43 -23.25 13.02 -12.90
C GLY C 43 -22.53 12.81 -11.58
N LEU C 44 -21.68 11.78 -11.54
CA LEU C 44 -20.92 11.42 -10.35
C LEU C 44 -19.47 11.22 -10.73
N ARG C 45 -18.56 11.68 -9.88
CA ARG C 45 -17.13 11.67 -10.16
C ARG C 45 -16.50 10.36 -9.72
N VAL C 46 -15.60 9.83 -10.55
CA VAL C 46 -14.89 8.59 -10.29
C VAL C 46 -13.41 8.80 -10.56
N ILE C 47 -12.58 8.42 -9.59
CA ILE C 47 -11.12 8.48 -9.73
C ILE C 47 -10.56 7.11 -9.37
N LYS C 48 -9.60 6.64 -10.18
CA LYS C 48 -9.05 5.31 -10.04
C LYS C 48 -7.59 5.36 -9.63
N SER C 49 -7.15 4.35 -8.88
CA SER C 49 -5.78 4.31 -8.38
C SER C 49 -5.32 2.87 -8.24
N THR C 50 -4.07 2.62 -8.63
CA THR C 50 -3.46 1.30 -8.52
C THR C 50 -2.80 1.08 -7.17
N ASP C 51 -2.20 2.12 -6.60
CA ASP C 51 -1.50 2.02 -5.32
C ASP C 51 -2.24 2.70 -4.18
N GLY C 52 -3.48 3.16 -4.43
CA GLY C 52 -4.21 3.91 -3.42
C GLY C 52 -3.60 5.24 -3.06
N ARG C 53 -2.56 5.67 -3.77
CA ARG C 53 -1.82 6.88 -3.44
C ARG C 53 -1.85 7.90 -4.57
N ASN C 54 -1.63 7.47 -5.80
CA ASN C 54 -1.66 8.36 -6.97
C ASN C 54 -2.95 8.11 -7.74
N TRP C 55 -3.72 9.17 -7.95
CA TRP C 55 -5.07 9.06 -8.49
C TRP C 55 -5.14 9.72 -9.87
N SER C 56 -5.82 9.05 -10.78
CA SER C 56 -6.16 9.60 -12.08
C SER C 56 -7.67 9.57 -12.24
N ALA C 57 -8.19 10.48 -13.06
CA ALA C 57 -9.63 10.57 -13.25
C ALA C 57 -10.14 9.38 -14.07
N ALA C 58 -11.42 9.09 -13.88
CA ALA C 58 -12.13 8.02 -14.58
C ALA C 58 -13.40 8.61 -15.17
N PRO C 59 -14.03 7.91 -16.12
CA PRO C 59 -15.30 8.41 -16.67
C PRO C 59 -16.33 8.62 -15.56
N SER C 60 -17.14 9.67 -15.73
CA SER C 60 -18.16 9.98 -14.75
C SER C 60 -19.35 9.05 -14.89
N ILE C 61 -20.00 8.75 -13.76
CA ILE C 61 -21.26 8.01 -13.78
C ILE C 61 -22.36 8.95 -14.22
N PHE C 62 -23.28 8.44 -15.06
CA PHE C 62 -24.41 9.19 -15.61
C PHE C 62 -23.91 10.42 -16.36
N PRO C 63 -23.18 10.26 -17.47
CA PRO C 63 -22.71 11.44 -18.21
C PRO C 63 -23.84 12.31 -18.71
N THR C 64 -24.91 11.68 -19.19
CA THR C 64 -26.13 12.44 -19.44
C THR C 64 -27.13 12.18 -18.33
N PRO C 65 -27.92 13.18 -17.95
CA PRO C 65 -28.88 12.99 -16.85
C PRO C 65 -29.89 11.89 -17.17
N LEU C 66 -30.55 11.44 -16.13
CA LEU C 66 -31.43 10.27 -16.17
C LEU C 66 -32.88 10.73 -16.15
N SER C 67 -33.73 10.01 -16.88
CA SER C 67 -35.05 10.53 -17.23
C SER C 67 -35.95 10.69 -16.00
N TRP C 68 -36.07 9.64 -15.18
CA TRP C 68 -37.04 9.73 -14.09
C TRP C 68 -36.59 10.64 -12.96
N TRP C 69 -35.38 11.20 -13.02
CA TRP C 69 -34.97 12.17 -12.01
C TRP C 69 -35.91 13.36 -11.99
N LYS C 70 -36.26 13.87 -13.18
CA LYS C 70 -37.17 15.01 -13.27
C LYS C 70 -38.50 14.71 -12.60
N MET C 71 -38.89 13.44 -12.53
CA MET C 71 -40.21 13.06 -12.04
C MET C 71 -40.36 13.38 -10.56
N TYR C 72 -39.32 13.14 -9.77
CA TYR C 72 -39.37 13.35 -8.33
C TYR C 72 -38.62 14.59 -7.88
N VAL C 73 -37.51 14.90 -8.54
CA VAL C 73 -36.77 16.14 -8.28
C VAL C 73 -36.73 16.93 -9.57
N PRO C 74 -37.81 17.62 -9.95
CA PRO C 74 -37.78 18.40 -11.20
C PRO C 74 -36.68 19.43 -11.23
N ASN C 75 -36.41 20.07 -10.11
CA ASN C 75 -35.27 20.98 -9.97
C ASN C 75 -34.13 20.18 -9.35
N HIS C 76 -33.36 19.51 -10.20
CA HIS C 76 -32.21 18.77 -9.75
C HIS C 76 -30.97 19.36 -10.41
N GLU C 77 -29.91 19.53 -9.64
CA GLU C 77 -28.72 20.18 -10.14
C GLU C 77 -28.01 19.27 -11.13
N PRO C 78 -27.17 19.84 -12.01
CA PRO C 78 -26.54 19.02 -13.05
C PRO C 78 -25.60 17.96 -12.53
N HIS C 79 -25.10 18.09 -11.29
CA HIS C 79 -24.25 17.08 -10.69
C HIS C 79 -25.02 16.39 -9.57
N GLN C 80 -24.71 15.11 -9.36
CA GLN C 80 -25.33 14.33 -8.31
C GLN C 80 -24.39 14.23 -7.11
N TRP C 81 -24.98 14.02 -5.93
CA TRP C 81 -24.26 14.14 -4.67
C TRP C 81 -24.12 12.80 -3.98
N ALA C 82 -23.12 12.73 -3.09
CA ALA C 82 -22.91 11.70 -2.07
C ALA C 82 -23.19 10.28 -2.55
N PRO C 83 -22.29 9.68 -3.34
CA PRO C 83 -22.48 8.28 -3.73
C PRO C 83 -21.96 7.32 -2.68
N ASP C 84 -22.49 6.10 -2.72
CA ASP C 84 -22.03 5.01 -1.86
C ASP C 84 -21.88 3.76 -2.72
N ILE C 85 -20.68 3.21 -2.76
CA ILE C 85 -20.38 1.99 -3.50
C ILE C 85 -20.13 0.86 -2.51
N SER C 86 -20.61 -0.33 -2.83
CA SER C 86 -20.41 -1.51 -2.00
C SER C 86 -20.76 -2.75 -2.80
N TYR C 87 -20.03 -3.83 -2.53
CA TYR C 87 -20.28 -5.12 -3.17
C TYR C 87 -21.01 -6.02 -2.18
N TYR C 88 -22.20 -6.48 -2.57
CA TYR C 88 -23.03 -7.29 -1.69
C TYR C 88 -23.94 -8.18 -2.53
N ASN C 89 -24.06 -9.44 -2.12
CA ASN C 89 -24.90 -10.42 -2.79
C ASN C 89 -24.49 -10.60 -4.24
N GLY C 90 -23.18 -10.59 -4.48
CA GLY C 90 -22.66 -10.83 -5.82
C GLY C 90 -22.90 -9.73 -6.82
N ARG C 91 -22.93 -8.47 -6.37
CA ARG C 91 -23.20 -7.36 -7.28
C ARG C 91 -22.82 -6.06 -6.60
N TYR C 92 -22.36 -5.10 -7.41
CA TYR C 92 -22.05 -3.77 -6.90
C TYR C 92 -23.30 -2.92 -6.84
N TRP C 93 -23.43 -2.14 -5.76
CA TRP C 93 -24.58 -1.28 -5.54
C TRP C 93 -24.09 0.15 -5.39
N LEU C 94 -24.66 1.05 -6.19
CA LEU C 94 -24.24 2.45 -6.22
C LEU C 94 -25.44 3.32 -5.86
N TYR C 95 -25.55 3.69 -4.59
CA TYR C 95 -26.57 4.63 -4.15
C TYR C 95 -26.09 6.06 -4.38
N TYR C 96 -26.98 6.89 -4.92
CA TYR C 96 -26.65 8.28 -5.19
C TYR C 96 -27.86 9.14 -4.84
N SER C 97 -27.63 10.45 -4.75
CA SER C 97 -28.66 11.39 -4.34
C SER C 97 -28.89 12.43 -5.44
N VAL C 98 -30.15 12.76 -5.67
CA VAL C 98 -30.56 13.72 -6.68
C VAL C 98 -31.31 14.84 -5.97
N SER C 99 -30.76 16.05 -6.01
CA SER C 99 -31.31 17.13 -5.19
C SER C 99 -30.82 18.49 -5.69
N SER C 100 -31.24 19.53 -4.98
CA SER C 100 -30.81 20.91 -5.21
C SER C 100 -30.33 21.51 -3.89
N PHE C 101 -29.56 22.58 -4.00
CA PHE C 101 -28.94 23.17 -2.82
C PHE C 101 -29.97 23.78 -1.87
N GLY C 102 -29.79 23.53 -0.59
CA GLY C 102 -30.66 24.08 0.44
C GLY C 102 -32.13 23.77 0.24
N SER C 103 -32.45 22.58 -0.27
CA SER C 103 -33.79 22.22 -0.65
C SER C 103 -34.18 20.88 -0.04
N ASN C 104 -35.46 20.76 0.31
CA ASN C 104 -36.00 19.54 0.92
C ASN C 104 -36.46 18.52 -0.11
N THR C 105 -36.59 18.90 -1.38
CA THR C 105 -37.00 17.95 -2.42
C THR C 105 -35.79 17.17 -2.89
N SER C 106 -35.72 15.89 -2.51
CA SER C 106 -34.56 15.07 -2.79
C SER C 106 -35.01 13.63 -3.02
N ALA C 107 -34.21 12.90 -3.80
CA ALA C 107 -34.45 11.50 -4.07
C ALA C 107 -33.12 10.76 -4.08
N ILE C 108 -33.18 9.48 -3.71
CA ILE C 108 -32.02 8.60 -3.75
C ILE C 108 -32.28 7.53 -4.81
N GLY C 109 -31.38 7.43 -5.78
CA GLY C 109 -31.44 6.40 -6.79
C GLY C 109 -30.43 5.29 -6.54
N LEU C 110 -30.54 4.24 -7.36
CA LEU C 110 -29.69 3.07 -7.22
C LEU C 110 -29.20 2.65 -8.60
N ALA C 111 -27.88 2.56 -8.75
CA ALA C 111 -27.25 2.02 -9.96
C ALA C 111 -26.45 0.78 -9.58
N SER C 112 -26.32 -0.14 -10.53
CA SER C 112 -25.74 -1.44 -10.24
C SER C 112 -24.98 -1.96 -11.45
N THR C 113 -24.00 -2.83 -11.17
CA THR C 113 -23.21 -3.47 -12.21
C THR C 113 -22.53 -4.70 -11.61
N ASP C 114 -22.11 -5.61 -12.49
CA ASP C 114 -21.44 -6.82 -12.02
C ASP C 114 -19.95 -6.58 -11.76
N ARG C 115 -19.34 -5.65 -12.48
CA ARG C 115 -17.97 -5.22 -12.20
C ARG C 115 -17.84 -3.74 -12.52
N ILE C 116 -17.16 -3.01 -11.62
CA ILE C 116 -16.99 -1.58 -11.81
C ILE C 116 -16.17 -1.27 -13.05
N SER C 117 -15.20 -2.14 -13.37
CA SER C 117 -14.31 -1.91 -14.49
C SER C 117 -15.03 -1.87 -15.84
N SER C 118 -16.29 -2.31 -15.89
CA SER C 118 -17.01 -2.31 -17.16
C SER C 118 -17.58 -0.93 -17.51
N GLY C 119 -17.92 -0.13 -16.49
CA GLY C 119 -18.52 1.16 -16.72
C GLY C 119 -19.97 1.15 -17.13
N GLN C 120 -20.56 -0.03 -17.37
CA GLN C 120 -21.97 -0.14 -17.73
C GLN C 120 -22.79 -0.25 -16.44
N TRP C 121 -23.55 0.79 -16.14
CA TRP C 121 -24.30 0.88 -14.90
C TRP C 121 -25.80 0.75 -15.18
N ARG C 122 -26.42 -0.26 -14.58
CA ARG C 122 -27.84 -0.48 -14.74
C ARG C 122 -28.63 0.45 -13.83
N ASP C 123 -29.73 1.00 -14.36
CA ASP C 123 -30.59 1.88 -13.58
C ASP C 123 -31.56 1.03 -12.78
N ASP C 124 -31.39 0.98 -11.47
CA ASP C 124 -32.26 0.23 -10.59
C ASP C 124 -33.39 1.07 -10.00
N GLY C 125 -33.56 2.31 -10.47
CA GLY C 125 -34.73 3.09 -10.14
C GLY C 125 -34.60 3.88 -8.85
N LEU C 126 -35.76 4.35 -8.40
CA LEU C 126 -35.85 5.17 -7.21
C LEU C 126 -35.74 4.31 -5.96
N VAL C 127 -35.13 4.88 -4.92
CA VAL C 127 -35.01 4.23 -3.62
C VAL C 127 -35.91 4.91 -2.59
N ILE C 128 -35.71 6.21 -2.36
CA ILE C 128 -36.54 6.94 -1.40
C ILE C 128 -36.52 8.41 -1.78
N ARG C 129 -37.69 9.05 -1.68
CA ARG C 129 -37.87 10.46 -1.96
C ARG C 129 -38.20 11.22 -0.67
N SER C 130 -37.90 12.51 -0.67
CA SER C 130 -38.36 13.43 0.36
C SER C 130 -38.96 14.65 -0.29
N THR C 131 -40.00 15.20 0.33
CA THR C 131 -40.71 16.36 -0.18
C THR C 131 -40.66 17.49 0.84
N SER C 132 -41.29 18.62 0.47
CA SER C 132 -41.30 19.79 1.35
C SER C 132 -42.04 19.54 2.65
N GLY C 133 -42.95 18.56 2.67
CA GLY C 133 -43.67 18.24 3.91
C GLY C 133 -42.88 17.39 4.89
N ASP C 134 -41.91 16.62 4.39
CA ASP C 134 -41.15 15.72 5.26
C ASP C 134 -40.16 16.51 6.11
N GLN C 135 -39.86 15.95 7.29
CA GLN C 135 -38.90 16.55 8.21
C GLN C 135 -37.52 15.92 8.09
N PHE C 136 -37.24 15.27 6.96
CA PHE C 136 -35.93 14.69 6.68
C PHE C 136 -35.53 15.07 5.26
N ASN C 137 -34.29 14.76 4.91
CA ASN C 137 -33.76 15.04 3.58
C ASN C 137 -33.19 13.74 3.01
N ALA C 138 -33.65 13.37 1.80
CA ALA C 138 -33.28 12.09 1.20
C ALA C 138 -32.02 12.25 0.35
N ILE C 139 -30.91 12.50 1.04
CA ILE C 139 -29.58 12.53 0.45
C ILE C 139 -28.62 11.79 1.39
N ASP C 140 -27.35 11.71 0.98
CA ASP C 140 -26.26 11.08 1.71
C ASP C 140 -26.58 9.65 2.10
N PRO C 141 -26.76 8.75 1.14
CA PRO C 141 -27.06 7.36 1.48
C PRO C 141 -25.82 6.55 1.82
N ASP C 142 -26.05 5.46 2.56
CA ASP C 142 -24.97 4.52 2.88
C ASP C 142 -25.56 3.16 3.19
N LEU C 143 -25.15 2.15 2.43
CA LEU C 143 -25.59 0.78 2.67
C LEU C 143 -24.75 0.15 3.78
N VAL C 144 -25.43 -0.51 4.72
CA VAL C 144 -24.77 -1.23 5.81
C VAL C 144 -25.40 -2.60 5.93
N ILE C 145 -24.57 -3.62 6.15
CA ILE C 145 -25.02 -5.01 6.18
C ILE C 145 -25.16 -5.46 7.62
N ASP C 146 -26.22 -6.23 7.90
CA ASP C 146 -26.54 -6.70 9.24
C ASP C 146 -25.41 -7.56 9.80
N LYS C 147 -25.47 -7.77 11.12
CA LYS C 147 -24.70 -8.86 11.72
C LYS C 147 -25.17 -10.22 11.22
N ASP C 148 -26.37 -10.29 10.65
CA ASP C 148 -26.91 -11.51 10.07
C ASP C 148 -26.76 -11.56 8.56
N GLY C 149 -26.33 -10.48 7.92
CA GLY C 149 -26.16 -10.45 6.49
C GLY C 149 -27.28 -9.79 5.69
N ASN C 150 -28.12 -8.97 6.34
CA ASN C 150 -29.22 -8.30 5.68
C ASN C 150 -28.92 -6.81 5.49
N PRO C 151 -29.40 -6.20 4.41
CA PRO C 151 -29.02 -4.82 4.11
C PRO C 151 -29.91 -3.80 4.84
N TRP C 152 -29.27 -2.69 5.23
CA TRP C 152 -29.95 -1.52 5.77
C TRP C 152 -29.35 -0.27 5.13
N LEU C 153 -30.16 0.79 5.04
CA LEU C 153 -29.75 2.04 4.42
C LEU C 153 -29.90 3.18 5.40
N SER C 154 -28.80 3.86 5.70
CA SER C 154 -28.81 5.09 6.51
C SER C 154 -28.59 6.28 5.60
N PHE C 155 -29.34 7.35 5.85
CA PHE C 155 -29.26 8.56 5.04
C PHE C 155 -29.71 9.74 5.90
N GLY C 156 -29.80 10.91 5.28
CA GLY C 156 -30.28 12.08 5.98
C GLY C 156 -29.27 13.21 6.04
N SER C 157 -29.77 14.44 6.12
CA SER C 157 -28.92 15.63 6.22
C SER C 157 -29.77 16.76 6.77
N PHE C 158 -29.40 17.23 7.96
CA PHE C 158 -30.11 18.31 8.64
C PHE C 158 -31.57 17.95 8.89
N TRP C 159 -32.38 18.94 9.26
CA TRP C 159 -33.78 18.75 9.65
C TRP C 159 -33.81 17.82 10.85
N SER C 160 -34.54 16.70 10.80
CA SER C 160 -34.60 15.81 11.96
C SER C 160 -33.35 14.95 12.11
N GLY C 161 -32.50 14.86 11.09
CA GLY C 161 -31.21 14.21 11.21
C GLY C 161 -31.13 12.96 10.33
N ILE C 162 -30.56 11.90 10.89
CA ILE C 162 -30.20 10.70 10.15
C ILE C 162 -31.31 9.67 10.29
N LYS C 163 -31.76 9.13 9.16
CA LYS C 163 -32.79 8.11 9.11
C LYS C 163 -32.18 6.77 8.72
N LEU C 164 -32.76 5.70 9.24
CA LEU C 164 -32.35 4.34 8.92
C LEU C 164 -33.56 3.52 8.55
N THR C 165 -33.44 2.71 7.50
CA THR C 165 -34.50 1.82 7.07
C THR C 165 -33.90 0.49 6.63
N ARG C 166 -34.70 -0.57 6.78
CA ARG C 166 -34.30 -1.87 6.27
C ARG C 166 -34.60 -1.97 4.79
N LEU C 167 -33.70 -2.59 4.04
CA LEU C 167 -33.87 -2.82 2.61
C LEU C 167 -34.17 -4.29 2.38
N ASP C 168 -35.02 -4.57 1.40
CA ASP C 168 -35.31 -5.95 1.03
C ASP C 168 -34.11 -6.55 0.32
N LYS C 169 -33.93 -7.86 0.48
CA LYS C 169 -32.77 -8.54 -0.07
C LYS C 169 -32.76 -8.47 -1.60
N ASN C 170 -33.92 -8.64 -2.23
CA ASN C 170 -34.01 -8.69 -3.68
C ASN C 170 -33.97 -7.30 -4.30
N THR C 171 -34.91 -6.44 -3.92
CA THR C 171 -35.04 -5.14 -4.55
C THR C 171 -33.98 -4.14 -4.11
N MET C 172 -33.37 -4.36 -2.94
CA MET C 172 -32.45 -3.39 -2.33
C MET C 172 -33.13 -2.04 -2.16
N LYS C 173 -34.42 -2.07 -1.83
CA LYS C 173 -35.25 -0.89 -1.66
C LYS C 173 -35.97 -0.97 -0.32
N PRO C 174 -36.30 0.17 0.28
CA PRO C 174 -36.76 0.17 1.67
C PRO C 174 -38.05 -0.61 1.88
N THR C 175 -38.10 -1.32 3.00
CA THR C 175 -39.33 -1.87 3.55
C THR C 175 -39.41 -1.48 5.03
N GLY C 176 -40.55 -1.76 5.64
CA GLY C 176 -40.75 -1.36 7.01
C GLY C 176 -40.81 0.16 7.14
N SER C 177 -40.64 0.62 8.39
CA SER C 177 -40.71 2.03 8.71
C SER C 177 -39.30 2.63 8.88
N LEU C 178 -39.26 3.93 9.08
CA LEU C 178 -38.01 4.64 9.28
C LEU C 178 -37.60 4.62 10.75
N TYR C 179 -36.30 4.61 10.98
CA TYR C 179 -35.72 4.71 12.32
C TYR C 179 -34.87 5.95 12.40
N SER C 180 -35.00 6.70 13.50
CA SER C 180 -34.22 7.90 13.75
C SER C 180 -33.06 7.54 14.67
N ILE C 181 -31.83 7.67 14.16
CA ILE C 181 -30.65 7.24 14.91
C ILE C 181 -29.70 8.37 15.26
N ALA C 182 -29.80 9.54 14.62
CA ALA C 182 -28.89 10.63 14.91
C ALA C 182 -29.59 11.96 14.62
N SER C 183 -29.35 12.94 15.48
CA SER C 183 -30.00 14.24 15.41
C SER C 183 -29.32 15.16 16.42
N ARG C 184 -29.58 16.46 16.28
CA ARG C 184 -29.27 17.43 17.33
C ARG C 184 -30.18 18.63 17.16
N PRO C 185 -31.27 18.70 17.94
CA PRO C 185 -32.18 19.83 17.81
C PRO C 185 -31.64 21.13 18.38
N ASN C 186 -30.61 21.07 19.23
CA ASN C 186 -30.08 22.26 19.88
C ASN C 186 -28.85 22.83 19.16
N ASN C 187 -28.56 22.35 17.95
CA ASN C 187 -27.39 22.83 17.21
C ASN C 187 -27.75 23.12 15.75
N GLY C 188 -28.99 23.52 15.49
CA GLY C 188 -29.41 23.77 14.13
C GLY C 188 -29.58 22.55 13.26
N GLY C 189 -29.44 21.35 13.84
CA GLY C 189 -29.60 20.12 13.09
C GLY C 189 -28.43 19.81 12.18
N ALA C 190 -27.23 20.31 12.51
CA ALA C 190 -26.08 20.19 11.61
C ALA C 190 -25.46 18.80 11.76
N VAL C 191 -26.03 17.85 11.01
CA VAL C 191 -25.48 16.51 10.91
C VAL C 191 -25.89 15.93 9.57
N GLU C 192 -24.97 15.22 8.92
CA GLU C 192 -25.22 14.66 7.60
C GLU C 192 -24.15 13.60 7.32
N ALA C 193 -24.25 13.00 6.13
CA ALA C 193 -23.28 12.02 5.64
C ALA C 193 -23.08 10.85 6.59
N PRO C 194 -24.12 10.08 6.89
CA PRO C 194 -23.97 8.96 7.82
C PRO C 194 -23.42 7.73 7.13
N ASN C 195 -22.70 6.93 7.91
CA ASN C 195 -22.26 5.60 7.48
C ASN C 195 -22.15 4.72 8.72
N ILE C 196 -22.72 3.52 8.64
CA ILE C 196 -22.78 2.59 9.75
C ILE C 196 -21.94 1.37 9.41
N THR C 197 -21.25 0.83 10.42
CA THR C 197 -20.47 -0.38 10.24
C THR C 197 -20.53 -1.20 11.52
N TYR C 198 -20.44 -2.52 11.35
CA TYR C 198 -20.54 -3.47 12.45
C TYR C 198 -19.19 -4.09 12.70
N LYS C 199 -18.76 -4.09 13.97
CA LYS C 199 -17.51 -4.75 14.35
C LYS C 199 -17.61 -5.22 15.79
N ASP C 200 -17.49 -6.53 15.99
CA ASP C 200 -17.37 -7.13 17.32
C ASP C 200 -18.51 -6.69 18.24
N GLY C 201 -19.74 -6.82 17.73
CA GLY C 201 -20.93 -6.64 18.53
C GLY C 201 -21.53 -5.24 18.52
N TYR C 202 -20.77 -4.22 18.14
CA TYR C 202 -21.24 -2.84 18.21
C TYR C 202 -21.35 -2.24 16.81
N TYR C 203 -22.49 -1.62 16.53
CA TYR C 203 -22.70 -0.87 15.30
C TYR C 203 -22.19 0.55 15.48
N TYR C 204 -21.28 0.97 14.60
CA TYR C 204 -20.64 2.27 14.71
C TYR C 204 -21.18 3.19 13.61
N LEU C 205 -21.89 4.23 14.01
CA LEU C 205 -22.42 5.24 13.11
C LEU C 205 -21.45 6.42 13.07
N PHE C 206 -20.93 6.71 11.89
CA PHE C 206 -20.09 7.88 11.68
C PHE C 206 -20.89 8.96 10.96
N VAL C 207 -20.79 10.20 11.45
CA VAL C 207 -21.55 11.32 10.90
C VAL C 207 -20.62 12.51 10.71
N SER C 208 -21.08 13.47 9.91
CA SER C 208 -20.38 14.73 9.67
C SER C 208 -21.17 15.87 10.32
N PHE C 209 -20.50 16.64 11.17
CA PHE C 209 -21.11 17.75 11.87
C PHE C 209 -20.79 19.06 11.19
N ASP C 210 -21.73 20.01 11.31
CA ASP C 210 -21.53 21.42 10.97
C ASP C 210 -21.41 21.67 9.46
N SER C 211 -20.91 22.84 9.09
CA SER C 211 -21.05 23.36 7.72
C SER C 211 -20.00 22.76 6.80
N CYS C 212 -20.42 22.41 5.58
CA CYS C 212 -19.59 21.59 4.69
C CYS C 212 -18.92 22.34 3.56
N CYS C 213 -19.47 23.46 3.09
CA CYS C 213 -18.90 24.06 1.88
C CYS C 213 -18.50 25.52 2.05
N LYS C 214 -17.75 25.82 3.10
CA LYS C 214 -17.17 27.15 3.28
C LYS C 214 -15.73 27.22 2.79
N GLY C 215 -15.26 26.21 2.07
CA GLY C 215 -13.90 26.25 1.55
C GLY C 215 -12.88 26.02 2.64
N VAL C 216 -11.95 26.97 2.78
CA VAL C 216 -10.94 26.87 3.82
C VAL C 216 -11.49 27.28 5.19
N ASP C 217 -12.56 28.09 5.21
CA ASP C 217 -13.24 28.43 6.45
C ASP C 217 -14.22 27.33 6.85
N SER C 218 -13.95 26.09 6.43
CA SER C 218 -14.89 24.99 6.67
C SER C 218 -14.82 24.50 8.11
N THR C 219 -15.99 24.40 8.73
CA THR C 219 -16.17 23.78 10.04
C THR C 219 -16.87 22.45 9.78
N TYR C 220 -16.09 21.42 9.48
CA TYR C 220 -16.62 20.10 9.22
C TYR C 220 -15.94 19.13 10.17
N LYS C 221 -16.73 18.34 10.89
CA LYS C 221 -16.20 17.40 11.86
C LYS C 221 -16.69 16.00 11.53
N ILE C 222 -15.98 15.01 12.06
CA ILE C 222 -16.38 13.61 11.97
C ILE C 222 -16.64 13.13 13.39
N ALA C 223 -17.86 12.69 13.65
CA ALA C 223 -18.26 12.19 14.96
C ALA C 223 -18.84 10.79 14.81
N TYR C 224 -18.77 10.01 15.89
CA TYR C 224 -19.16 8.62 15.86
C TYR C 224 -19.94 8.25 17.11
N GLY C 225 -20.56 7.08 17.06
CA GLY C 225 -21.28 6.52 18.18
C GLY C 225 -21.49 5.02 17.99
N ARG C 226 -21.81 4.34 19.08
CA ARG C 226 -21.97 2.89 19.06
C ARG C 226 -23.37 2.49 19.51
N SER C 227 -23.73 1.26 19.18
CA SER C 227 -24.98 0.65 19.66
C SER C 227 -24.90 -0.86 19.45
N THR C 228 -25.43 -1.61 20.41
CA THR C 228 -25.53 -3.06 20.25
C THR C 228 -26.60 -3.44 19.23
N SER C 229 -27.53 -2.54 18.93
CA SER C 229 -28.59 -2.76 17.96
C SER C 229 -28.41 -1.81 16.80
N ILE C 230 -28.65 -2.32 15.58
CA ILE C 230 -28.49 -1.51 14.38
C ILE C 230 -29.37 -0.27 14.44
N THR C 231 -30.61 -0.43 14.90
CA THR C 231 -31.54 0.68 15.10
C THR C 231 -31.53 1.21 16.51
N GLY C 232 -30.88 0.52 17.46
CA GLY C 232 -30.88 0.89 18.85
C GLY C 232 -30.25 2.25 19.07
N PRO C 233 -30.51 2.88 20.22
CA PRO C 233 -29.99 4.24 20.43
C PRO C 233 -28.45 4.23 20.41
N TYR C 234 -27.89 5.13 19.60
CA TYR C 234 -26.45 5.26 19.47
C TYR C 234 -25.92 6.22 20.53
N TYR C 235 -24.81 5.84 21.17
CA TYR C 235 -24.31 6.57 22.33
C TYR C 235 -22.86 6.98 22.13
N ASP C 236 -22.40 7.82 23.06
CA ASP C 236 -21.10 8.45 23.02
C ASP C 236 -20.11 7.69 23.91
N LYS C 237 -18.84 8.13 23.86
CA LYS C 237 -17.93 7.81 24.94
C LYS C 237 -18.44 8.38 26.26
N SER C 238 -19.07 9.54 26.22
CA SER C 238 -19.73 10.14 27.36
C SER C 238 -21.12 9.58 27.62
N GLY C 239 -21.51 8.54 26.88
CA GLY C 239 -22.83 7.96 27.05
C GLY C 239 -23.96 8.84 26.58
N LYS C 240 -23.69 9.80 25.71
CA LYS C 240 -24.70 10.73 25.23
C LYS C 240 -25.41 10.14 24.02
N ASN C 241 -26.75 10.18 24.04
CA ASN C 241 -27.55 9.67 22.94
C ASN C 241 -27.32 10.53 21.70
N MET C 242 -27.07 9.87 20.57
CA MET C 242 -26.81 10.62 19.34
C MET C 242 -28.05 11.33 18.81
N MET C 243 -29.23 10.98 19.30
CA MET C 243 -30.43 11.71 18.94
C MET C 243 -30.53 13.06 19.66
N ASN C 244 -29.80 13.22 20.77
CA ASN C 244 -29.70 14.50 21.47
C ASN C 244 -28.36 15.17 21.21
N GLY C 245 -27.80 14.98 20.02
CA GLY C 245 -26.54 15.58 19.67
C GLY C 245 -25.31 14.80 20.06
N GLY C 246 -25.47 13.54 20.46
CA GLY C 246 -24.32 12.76 20.87
C GLY C 246 -23.35 12.52 19.73
N GLY C 247 -22.07 12.62 20.03
CA GLY C 247 -21.03 12.43 19.04
C GLY C 247 -19.66 12.86 19.53
N THR C 248 -18.77 11.89 19.78
CA THR C 248 -17.39 12.21 20.09
C THR C 248 -16.63 12.48 18.78
N ILE C 249 -15.87 13.55 18.76
CA ILE C 249 -15.28 14.04 17.52
C ILE C 249 -14.06 13.20 17.16
N LEU C 250 -14.06 12.63 15.96
CA LEU C 250 -12.94 11.84 15.50
C LEU C 250 -11.86 12.71 14.86
N ASP C 251 -12.28 13.70 14.07
CA ASP C 251 -11.33 14.53 13.34
C ASP C 251 -11.96 15.89 13.09
N SER C 252 -11.21 16.95 13.36
CA SER C 252 -11.66 18.32 13.15
C SER C 252 -10.73 19.13 12.26
N GLY C 253 -9.68 18.53 11.73
CA GLY C 253 -8.74 19.21 10.85
C GLY C 253 -7.43 19.50 11.55
N ASN C 254 -6.54 20.18 10.80
CA ASN C 254 -5.26 20.61 11.34
C ASN C 254 -4.81 21.92 10.71
N ASP C 255 -3.50 22.08 10.53
CA ASP C 255 -2.99 23.34 9.98
C ASP C 255 -3.25 23.45 8.48
N ARG C 256 -3.07 22.35 7.75
CA ARG C 256 -3.27 22.37 6.31
C ARG C 256 -4.69 21.95 5.92
N TRP C 257 -5.15 20.81 6.44
CA TRP C 257 -6.45 20.27 6.07
C TRP C 257 -7.51 20.81 7.04
N LYS C 258 -8.49 21.53 6.48
CA LYS C 258 -9.56 22.11 7.26
C LYS C 258 -10.88 21.49 6.87
N GLY C 259 -11.76 21.32 7.87
CA GLY C 259 -13.08 20.78 7.66
C GLY C 259 -13.12 19.41 7.00
N PRO C 260 -12.60 18.39 7.67
CA PRO C 260 -12.77 17.03 7.17
C PRO C 260 -14.18 16.52 7.47
N GLY C 261 -14.68 15.70 6.57
CA GLY C 261 -16.02 15.18 6.76
C GLY C 261 -16.50 14.40 5.54
N HIS C 262 -17.78 14.05 5.60
CA HIS C 262 -18.42 13.13 4.66
C HIS C 262 -17.56 11.89 4.44
N GLN C 263 -17.37 11.16 5.54
CA GLN C 263 -16.51 10.01 5.60
C GLN C 263 -17.23 8.74 5.16
N ASP C 264 -16.45 7.74 4.79
CA ASP C 264 -16.95 6.39 4.60
C ASP C 264 -15.88 5.42 5.09
N VAL C 265 -16.28 4.17 5.31
CA VAL C 265 -15.38 3.13 5.80
C VAL C 265 -15.42 1.93 4.86
N LEU C 266 -14.29 1.25 4.77
CA LEU C 266 -14.16 0.06 3.93
C LEU C 266 -13.42 -1.01 4.72
N ASN C 267 -14.06 -2.17 4.91
CA ASN C 267 -13.48 -3.32 5.60
C ASN C 267 -13.09 -3.01 7.04
N ASN C 268 -13.67 -1.97 7.63
CA ASN C 268 -13.38 -1.57 9.02
C ASN C 268 -11.90 -1.34 9.24
N SER C 269 -11.21 -0.91 8.20
CA SER C 269 -9.77 -0.69 8.31
C SER C 269 -9.28 0.48 7.47
N ILE C 270 -10.14 1.17 6.73
CA ILE C 270 -9.76 2.29 5.88
C ILE C 270 -10.85 3.34 5.94
N LEU C 271 -10.53 4.51 6.45
CA LEU C 271 -11.47 5.63 6.52
C LEU C 271 -11.07 6.67 5.48
N VAL C 272 -12.01 7.00 4.59
CA VAL C 272 -11.80 8.04 3.58
C VAL C 272 -12.64 9.25 3.93
N ARG C 273 -12.13 10.41 3.57
CA ARG C 273 -12.81 11.67 3.81
C ARG C 273 -12.31 12.67 2.78
N HIS C 274 -13.01 13.79 2.67
CA HIS C 274 -12.50 14.94 1.94
C HIS C 274 -12.15 16.03 2.94
N ALA C 275 -11.09 16.76 2.64
CA ALA C 275 -10.74 17.94 3.41
C ALA C 275 -10.34 19.04 2.43
N TYR C 276 -10.43 20.27 2.91
CA TYR C 276 -10.18 21.45 2.09
C TYR C 276 -8.74 21.90 2.30
N ASP C 277 -7.99 21.97 1.19
CA ASP C 277 -6.54 22.16 1.23
C ASP C 277 -6.22 23.65 1.40
N ALA C 278 -5.73 24.03 2.58
CA ALA C 278 -5.33 25.41 2.81
C ALA C 278 -4.14 25.82 1.95
N LEU C 279 -3.39 24.85 1.41
CA LEU C 279 -2.31 25.14 0.48
C LEU C 279 -2.77 25.16 -0.97
N ASP C 280 -4.08 25.10 -1.22
CA ASP C 280 -4.60 25.09 -2.59
C ASP C 280 -5.98 25.73 -2.63
N ASN C 281 -6.14 26.87 -1.96
CA ASN C 281 -7.36 27.69 -2.01
C ASN C 281 -8.57 26.93 -1.47
N GLY C 282 -8.36 25.97 -0.57
CA GLY C 282 -9.45 25.28 0.06
C GLY C 282 -10.19 24.29 -0.81
N VAL C 283 -9.62 23.90 -1.96
CA VAL C 283 -10.26 22.90 -2.78
C VAL C 283 -10.24 21.56 -2.06
N SER C 284 -11.29 20.77 -2.23
CA SER C 284 -11.45 19.54 -1.47
C SER C 284 -10.62 18.42 -2.10
N LYS C 285 -9.74 17.82 -1.31
CA LYS C 285 -8.90 16.72 -1.74
C LYS C 285 -9.28 15.45 -0.99
N LEU C 286 -8.79 14.33 -1.50
CA LEU C 286 -9.07 13.03 -0.92
C LEU C 286 -8.09 12.73 0.22
N LEU C 287 -8.62 12.24 1.34
CA LEU C 287 -7.79 11.87 2.48
C LEU C 287 -8.18 10.47 2.94
N ILE C 288 -7.19 9.58 3.02
CA ILE C 288 -7.41 8.18 3.37
C ILE C 288 -6.58 7.86 4.60
N ASN C 289 -7.18 7.18 5.57
CA ASN C 289 -6.53 6.84 6.82
C ASN C 289 -6.79 5.38 7.15
N ASP C 290 -5.77 4.72 7.72
CA ASP C 290 -5.98 3.42 8.34
C ASP C 290 -6.88 3.59 9.56
N LEU C 291 -7.97 2.84 9.59
CA LEU C 291 -8.93 2.93 10.68
C LEU C 291 -8.62 1.85 11.72
N TYR C 292 -8.47 2.27 12.96
CA TYR C 292 -8.19 1.37 14.08
C TYR C 292 -9.29 1.49 15.13
N TRP C 293 -9.10 0.77 16.23
CA TRP C 293 -10.07 0.72 17.32
C TRP C 293 -9.29 0.60 18.62
N ASP C 294 -9.51 1.55 19.53
CA ASP C 294 -8.66 1.67 20.71
C ASP C 294 -8.95 0.60 21.75
N SER C 295 -8.49 0.82 22.99
CA SER C 295 -8.58 -0.18 24.05
C SER C 295 -10.01 -0.44 24.49
N GLN C 296 -10.94 0.46 24.18
CA GLN C 296 -12.35 0.27 24.50
C GLN C 296 -13.19 -0.05 23.28
N GLY C 297 -12.56 -0.26 22.12
CA GLY C 297 -13.27 -0.55 20.90
C GLY C 297 -13.67 0.66 20.09
N TRP C 298 -13.34 1.87 20.54
CA TRP C 298 -13.76 3.07 19.83
C TRP C 298 -12.82 3.37 18.67
N PRO C 299 -13.35 3.86 17.55
CA PRO C 299 -12.51 4.08 16.37
C PRO C 299 -11.56 5.25 16.57
N THR C 300 -10.28 5.04 16.24
CA THR C 300 -9.28 6.10 16.22
C THR C 300 -8.43 5.92 14.98
N TYR C 301 -7.52 6.87 14.76
CA TYR C 301 -6.55 6.78 13.68
C TYR C 301 -5.34 5.97 14.13
N PHE D 12 15.26 15.67 -25.89
CA PHE D 12 14.16 15.08 -26.65
C PHE D 12 13.36 16.13 -27.41
N TRP D 13 12.27 15.71 -28.04
CA TRP D 13 11.35 16.63 -28.69
C TRP D 13 10.41 17.21 -27.64
N ASP D 14 10.43 18.53 -27.50
CA ASP D 14 9.53 19.21 -26.56
C ASP D 14 8.14 19.24 -27.17
N THR D 15 7.23 18.44 -26.63
CA THR D 15 5.85 18.38 -27.11
C THR D 15 4.98 19.29 -26.27
N LYS D 16 4.14 20.08 -26.93
CA LYS D 16 3.21 20.99 -26.27
C LYS D 16 1.82 20.82 -26.87
N GLY D 17 0.84 21.44 -26.23
CA GLY D 17 -0.54 21.30 -26.65
C GLY D 17 -1.23 20.13 -25.97
N ASP D 18 -2.05 19.40 -26.71
CA ASP D 18 -2.77 18.24 -26.18
C ASP D 18 -1.87 17.00 -26.21
N ASN D 19 -0.74 17.11 -25.50
CA ASN D 19 0.30 16.09 -25.53
C ASN D 19 0.07 14.95 -24.55
N PHE D 20 -1.13 14.87 -23.96
CA PHE D 20 -1.45 13.76 -23.09
C PHE D 20 -1.60 12.48 -23.91
N ILE D 21 -0.97 11.39 -23.45
CA ILE D 21 -1.06 10.11 -24.13
C ILE D 21 -0.64 9.03 -23.15
N HIS D 22 -1.11 7.81 -23.39
CA HIS D 22 -0.71 6.64 -22.62
C HIS D 22 -0.58 5.48 -23.60
N ASP D 23 0.54 4.76 -23.50
CA ASP D 23 0.84 3.61 -24.37
C ASP D 23 0.85 4.03 -25.83
N PRO D 24 1.75 4.92 -26.24
CA PRO D 24 1.66 5.52 -27.58
C PRO D 24 2.25 4.63 -28.66
N SER D 25 1.95 5.01 -29.90
CA SER D 25 2.51 4.37 -31.09
C SER D 25 2.41 5.38 -32.23
N ILE D 26 3.54 5.68 -32.87
CA ILE D 26 3.64 6.81 -33.77
C ILE D 26 3.66 6.33 -35.22
N ILE D 27 3.08 7.15 -36.10
CA ILE D 27 3.09 6.92 -37.54
C ILE D 27 2.95 8.27 -38.21
N LYS D 28 3.40 8.37 -39.47
CA LYS D 28 3.32 9.61 -40.22
C LYS D 28 2.70 9.33 -41.59
N GLU D 29 1.61 10.04 -41.89
CA GLU D 29 0.96 10.01 -43.20
C GLU D 29 1.01 11.42 -43.77
N GLY D 30 1.85 11.62 -44.78
CA GLY D 30 2.10 12.98 -45.25
C GLY D 30 2.90 13.77 -44.23
N ASN D 31 2.55 15.04 -44.09
CA ASN D 31 3.18 15.90 -43.10
C ASN D 31 2.61 15.73 -41.70
N THR D 32 1.62 14.86 -41.52
CA THR D 32 0.90 14.74 -40.26
C THR D 32 1.41 13.56 -39.45
N TRP D 33 1.76 13.82 -38.19
CA TRP D 33 2.10 12.77 -37.25
C TRP D 33 0.84 12.30 -36.53
N TYR D 34 0.71 10.99 -36.36
CA TYR D 34 -0.42 10.40 -35.65
C TYR D 34 0.10 9.54 -34.51
N THR D 35 -0.30 9.88 -33.29
CA THR D 35 0.03 9.10 -32.10
C THR D 35 -1.24 8.41 -31.63
N PHE D 36 -1.28 7.09 -31.78
CA PHE D 36 -2.38 6.29 -31.25
C PHE D 36 -2.06 5.90 -29.81
N GLY D 37 -3.08 5.94 -28.95
CA GLY D 37 -2.87 5.63 -27.55
C GLY D 37 -4.09 5.00 -26.91
N THR D 38 -3.91 4.62 -25.65
CA THR D 38 -5.00 4.05 -24.87
C THR D 38 -6.13 5.05 -24.74
N GLY D 39 -7.36 4.58 -24.98
CA GLY D 39 -8.50 5.47 -25.04
C GLY D 39 -8.79 6.15 -23.71
N LEU D 40 -9.62 7.18 -23.80
CA LEU D 40 -10.11 7.93 -22.65
C LEU D 40 -11.61 7.81 -22.61
N GLY D 41 -12.13 7.21 -21.55
CA GLY D 41 -13.56 6.96 -21.47
C GLY D 41 -14.00 5.84 -22.38
N THR D 42 -13.82 6.03 -23.69
CA THR D 42 -14.21 5.02 -24.68
C THR D 42 -13.23 5.03 -25.83
N GLY D 43 -13.01 3.84 -26.41
CA GLY D 43 -12.31 3.71 -27.67
C GLY D 43 -10.80 3.82 -27.60
N LEU D 44 -10.21 4.43 -28.63
CA LEU D 44 -8.77 4.60 -28.75
C LEU D 44 -8.46 6.07 -29.01
N ARG D 45 -7.44 6.58 -28.32
CA ARG D 45 -7.08 7.99 -28.41
C ARG D 45 -6.14 8.22 -29.58
N VAL D 46 -6.42 9.26 -30.36
CA VAL D 46 -5.58 9.65 -31.49
C VAL D 46 -5.36 11.14 -31.42
N ILE D 47 -4.10 11.56 -31.57
CA ILE D 47 -3.73 12.96 -31.58
C ILE D 47 -2.85 13.21 -32.79
N LYS D 48 -2.93 14.42 -33.34
CA LYS D 48 -2.25 14.77 -34.58
C LYS D 48 -1.31 15.94 -34.35
N SER D 49 -0.39 16.12 -35.30
CA SER D 49 0.59 17.20 -35.24
C SER D 49 1.19 17.39 -36.63
N THR D 50 1.50 18.65 -36.95
CA THR D 50 2.08 18.99 -38.24
C THR D 50 3.61 19.06 -38.18
N ASP D 51 4.16 19.51 -37.06
CA ASP D 51 5.59 19.68 -36.90
C ASP D 51 6.21 18.74 -35.87
N GLY D 52 5.40 17.95 -35.17
CA GLY D 52 5.90 17.05 -34.15
C GLY D 52 6.02 17.66 -32.77
N ARG D 53 5.79 18.96 -32.64
CA ARG D 53 5.88 19.65 -31.36
C ARG D 53 4.50 19.98 -30.76
N ASN D 54 3.64 20.65 -31.52
CA ASN D 54 2.31 21.01 -31.04
C ASN D 54 1.31 19.94 -31.44
N TRP D 55 0.57 19.42 -30.47
CA TRP D 55 -0.37 18.33 -30.69
C TRP D 55 -1.79 18.76 -30.34
N SER D 56 -2.73 18.35 -31.19
CA SER D 56 -4.15 18.57 -30.96
C SER D 56 -4.90 17.26 -31.11
N ALA D 57 -6.12 17.22 -30.58
CA ALA D 57 -6.89 15.98 -30.54
C ALA D 57 -7.43 15.63 -31.91
N ALA D 58 -7.64 14.35 -32.12
CA ALA D 58 -8.19 13.78 -33.35
C ALA D 58 -9.33 12.86 -32.98
N PRO D 59 -10.18 12.48 -33.95
CA PRO D 59 -11.30 11.60 -33.62
C PRO D 59 -10.85 10.27 -33.04
N SER D 60 -11.56 9.82 -32.02
CA SER D 60 -11.22 8.59 -31.34
C SER D 60 -11.76 7.37 -32.09
N ILE D 61 -10.94 6.33 -32.19
CA ILE D 61 -11.34 5.10 -32.86
C ILE D 61 -12.26 4.32 -31.94
N PHE D 62 -13.25 3.65 -32.52
CA PHE D 62 -14.25 2.87 -31.79
C PHE D 62 -14.99 3.74 -30.79
N PRO D 63 -15.80 4.70 -31.25
CA PRO D 63 -16.51 5.57 -30.29
C PRO D 63 -17.55 4.83 -29.47
N THR D 64 -18.21 3.84 -30.06
CA THR D 64 -19.07 2.90 -29.36
C THR D 64 -18.38 1.54 -29.31
N PRO D 65 -18.52 0.80 -28.21
CA PRO D 65 -17.86 -0.50 -28.11
C PRO D 65 -18.33 -1.42 -29.23
N LEU D 66 -17.46 -2.38 -29.55
CA LEU D 66 -17.65 -3.25 -30.69
C LEU D 66 -18.30 -4.56 -30.26
N SER D 67 -19.09 -5.14 -31.17
CA SER D 67 -20.08 -6.15 -30.77
C SER D 67 -19.41 -7.41 -30.23
N TRP D 68 -18.45 -7.97 -30.96
CA TRP D 68 -17.87 -9.24 -30.52
C TRP D 68 -16.89 -9.08 -29.36
N TRP D 69 -16.70 -7.87 -28.84
CA TRP D 69 -15.83 -7.70 -27.67
C TRP D 69 -16.43 -8.36 -26.44
N LYS D 70 -17.72 -8.11 -26.18
CA LYS D 70 -18.40 -8.62 -25.00
C LYS D 70 -18.46 -10.15 -25.01
N MET D 71 -17.96 -10.76 -26.08
CA MET D 71 -17.95 -12.21 -26.23
C MET D 71 -16.70 -12.85 -25.64
N TYR D 72 -15.52 -12.27 -25.88
CA TYR D 72 -14.28 -12.81 -25.35
C TYR D 72 -13.88 -12.14 -24.03
N VAL D 73 -14.09 -10.84 -23.91
CA VAL D 73 -13.85 -10.12 -22.65
C VAL D 73 -15.16 -9.44 -22.26
N PRO D 74 -16.09 -10.14 -21.61
CA PRO D 74 -17.37 -9.51 -21.27
C PRO D 74 -17.25 -8.36 -20.29
N ASN D 75 -16.28 -8.42 -19.36
CA ASN D 75 -16.06 -7.35 -18.41
C ASN D 75 -15.05 -6.33 -18.91
N HIS D 76 -14.98 -6.11 -20.22
CA HIS D 76 -13.94 -5.24 -20.78
C HIS D 76 -14.18 -3.80 -20.38
N GLU D 77 -13.09 -3.09 -20.10
CA GLU D 77 -13.18 -1.68 -19.80
C GLU D 77 -13.62 -0.91 -21.05
N PRO D 78 -14.39 0.16 -20.87
CA PRO D 78 -14.91 0.89 -22.05
C PRO D 78 -13.83 1.46 -22.94
N HIS D 79 -12.66 1.78 -22.39
CA HIS D 79 -11.52 2.23 -23.19
C HIS D 79 -10.59 1.06 -23.49
N GLN D 80 -10.04 1.06 -24.70
CA GLN D 80 -9.11 0.03 -25.13
C GLN D 80 -7.67 0.51 -24.96
N TRP D 81 -6.75 -0.45 -24.96
CA TRP D 81 -5.36 -0.19 -24.60
C TRP D 81 -4.43 -0.45 -25.78
N ALA D 82 -3.18 0.00 -25.59
CA ALA D 82 -1.99 -0.32 -26.38
C ALA D 82 -2.24 -0.54 -27.86
N PRO D 83 -2.60 0.49 -28.62
CA PRO D 83 -2.66 0.33 -30.07
C PRO D 83 -1.27 0.29 -30.68
N ASP D 84 -1.15 -0.44 -31.79
CA ASP D 84 0.04 -0.41 -32.61
C ASP D 84 -0.38 -0.06 -34.03
N ILE D 85 0.16 1.04 -34.55
CA ILE D 85 -0.17 1.53 -35.88
C ILE D 85 1.05 1.37 -36.77
N SER D 86 0.81 0.95 -38.01
CA SER D 86 1.88 0.74 -38.98
C SER D 86 1.25 0.62 -40.36
N TYR D 87 2.07 0.86 -41.38
CA TYR D 87 1.67 0.69 -42.77
C TYR D 87 2.46 -0.47 -43.36
N TYR D 88 1.75 -1.44 -43.93
CA TYR D 88 2.39 -2.65 -44.43
C TYR D 88 1.50 -3.27 -45.49
N ASN D 89 2.12 -3.73 -46.59
CA ASN D 89 1.42 -4.42 -47.67
C ASN D 89 0.24 -3.59 -48.18
N GLY D 90 0.47 -2.30 -48.37
CA GLY D 90 -0.51 -1.44 -48.99
C GLY D 90 -1.69 -1.05 -48.15
N ARG D 91 -1.58 -1.11 -46.82
CA ARG D 91 -2.74 -0.86 -45.97
C ARG D 91 -2.26 -0.59 -44.54
N TYR D 92 -2.98 0.28 -43.85
CA TYR D 92 -2.69 0.57 -42.45
C TYR D 92 -3.31 -0.50 -41.56
N TRP D 93 -2.56 -0.90 -40.53
CA TRP D 93 -2.98 -1.95 -39.60
C TRP D 93 -2.92 -1.42 -38.18
N LEU D 94 -4.02 -1.59 -37.44
CA LEU D 94 -4.13 -1.07 -36.07
C LEU D 94 -4.50 -2.24 -35.15
N TYR D 95 -3.49 -2.82 -34.51
CA TYR D 95 -3.73 -3.84 -33.49
C TYR D 95 -3.99 -3.16 -32.15
N TYR D 96 -5.01 -3.63 -31.43
CA TYR D 96 -5.43 -3.03 -30.17
C TYR D 96 -5.80 -4.13 -29.19
N SER D 97 -5.97 -3.74 -27.93
CA SER D 97 -6.27 -4.67 -26.84
C SER D 97 -7.62 -4.37 -26.22
N VAL D 98 -8.28 -5.43 -25.77
CA VAL D 98 -9.58 -5.34 -25.09
C VAL D 98 -9.44 -6.17 -23.82
N SER D 99 -9.50 -5.51 -22.65
CA SER D 99 -9.17 -6.19 -21.41
C SER D 99 -9.66 -5.38 -20.22
N SER D 100 -9.32 -5.86 -19.03
CA SER D 100 -9.50 -5.16 -17.76
C SER D 100 -8.17 -5.14 -17.02
N PHE D 101 -7.97 -4.11 -16.21
CA PHE D 101 -6.68 -3.95 -15.56
C PHE D 101 -6.45 -5.06 -14.54
N GLY D 102 -5.25 -5.65 -14.58
CA GLY D 102 -4.91 -6.76 -13.71
C GLY D 102 -5.46 -8.09 -14.19
N SER D 103 -6.55 -8.05 -14.96
CA SER D 103 -7.21 -9.27 -15.40
C SER D 103 -6.42 -9.94 -16.51
N ASN D 104 -6.56 -11.26 -16.59
CA ASN D 104 -5.91 -12.05 -17.62
C ASN D 104 -6.81 -12.34 -18.82
N THR D 105 -8.11 -12.18 -18.67
CA THR D 105 -9.06 -12.43 -19.77
C THR D 105 -8.99 -11.24 -20.71
N SER D 106 -8.13 -11.34 -21.71
CA SER D 106 -7.89 -10.27 -22.66
C SER D 106 -8.00 -10.82 -24.08
N ALA D 107 -8.06 -9.90 -25.05
CA ALA D 107 -8.11 -10.28 -26.45
C ALA D 107 -7.60 -9.13 -27.29
N ILE D 108 -6.83 -9.46 -28.33
CA ILE D 108 -6.29 -8.47 -29.25
C ILE D 108 -7.17 -8.42 -30.49
N GLY D 109 -7.57 -7.21 -30.89
CA GLY D 109 -8.33 -6.99 -32.10
C GLY D 109 -7.48 -6.34 -33.17
N LEU D 110 -8.05 -6.26 -34.38
CA LEU D 110 -7.36 -5.68 -35.51
C LEU D 110 -8.33 -4.80 -36.30
N ALA D 111 -8.01 -3.51 -36.38
CA ALA D 111 -8.67 -2.58 -37.27
C ALA D 111 -7.73 -2.22 -38.41
N SER D 112 -8.31 -1.80 -39.54
CA SER D 112 -7.52 -1.52 -40.72
C SER D 112 -8.17 -0.42 -41.54
N THR D 113 -7.35 0.27 -42.33
CA THR D 113 -7.84 1.29 -43.24
C THR D 113 -6.82 1.49 -44.35
N ASP D 114 -7.27 2.09 -45.45
CA ASP D 114 -6.36 2.46 -46.52
C ASP D 114 -5.75 3.85 -46.30
N ARG D 115 -6.42 4.70 -45.54
CA ARG D 115 -5.99 6.08 -45.35
C ARG D 115 -6.41 6.54 -43.97
N ILE D 116 -5.43 6.89 -43.14
CA ILE D 116 -5.72 7.29 -41.77
C ILE D 116 -6.57 8.57 -41.74
N SER D 117 -6.31 9.48 -42.69
CA SER D 117 -7.06 10.73 -42.71
C SER D 117 -8.53 10.52 -43.08
N SER D 118 -8.88 9.35 -43.61
CA SER D 118 -10.29 9.08 -43.91
C SER D 118 -11.10 8.89 -42.65
N GLY D 119 -10.47 8.44 -41.56
CA GLY D 119 -11.18 8.21 -40.32
C GLY D 119 -12.11 7.01 -40.31
N GLN D 120 -12.11 6.22 -41.38
CA GLN D 120 -12.96 5.05 -41.50
C GLN D 120 -12.10 3.80 -41.34
N TRP D 121 -12.44 2.96 -40.37
CA TRP D 121 -11.64 1.78 -40.04
C TRP D 121 -12.49 0.52 -40.22
N ARG D 122 -11.90 -0.48 -40.86
CA ARG D 122 -12.56 -1.77 -41.06
C ARG D 122 -12.32 -2.68 -39.86
N ASP D 123 -13.34 -3.44 -39.50
CA ASP D 123 -13.24 -4.41 -38.41
C ASP D 123 -12.73 -5.73 -38.97
N ASP D 124 -11.52 -6.14 -38.57
CA ASP D 124 -10.92 -7.37 -39.04
C ASP D 124 -11.02 -8.51 -38.04
N GLY D 125 -11.75 -8.32 -36.94
CA GLY D 125 -12.06 -9.41 -36.05
C GLY D 125 -10.98 -9.73 -35.04
N LEU D 126 -11.17 -10.88 -34.38
CA LEU D 126 -10.28 -11.31 -33.31
C LEU D 126 -8.91 -11.70 -33.85
N VAL D 127 -7.87 -11.33 -33.11
CA VAL D 127 -6.49 -11.70 -33.45
C VAL D 127 -6.06 -12.88 -32.60
N ILE D 128 -5.97 -12.66 -31.28
CA ILE D 128 -5.56 -13.71 -30.35
C ILE D 128 -6.25 -13.47 -29.01
N ARG D 129 -6.65 -14.55 -28.37
CA ARG D 129 -7.43 -14.52 -27.15
C ARG D 129 -6.61 -15.08 -25.99
N SER D 130 -6.90 -14.61 -24.77
CA SER D 130 -6.29 -15.13 -23.56
C SER D 130 -7.34 -15.29 -22.49
N THR D 131 -7.22 -16.37 -21.71
CA THR D 131 -8.16 -16.68 -20.64
C THR D 131 -7.40 -16.91 -19.34
N SER D 132 -8.14 -17.16 -18.27
CA SER D 132 -7.52 -17.38 -16.97
C SER D 132 -6.66 -18.64 -16.97
N GLY D 133 -7.04 -19.65 -17.76
CA GLY D 133 -6.24 -20.86 -17.88
C GLY D 133 -4.91 -20.65 -18.56
N ASP D 134 -4.80 -19.61 -19.38
CA ASP D 134 -3.55 -19.36 -20.09
C ASP D 134 -2.52 -18.73 -19.15
N GLN D 135 -1.25 -18.93 -19.50
CA GLN D 135 -0.14 -18.32 -18.80
C GLN D 135 0.38 -17.07 -19.51
N PHE D 136 -0.41 -16.49 -20.41
CA PHE D 136 -0.05 -15.25 -21.09
C PHE D 136 -1.24 -14.31 -21.05
N ASN D 137 -1.00 -13.08 -21.48
CA ASN D 137 -2.00 -12.03 -21.46
C ASN D 137 -2.01 -11.36 -22.83
N ALA D 138 -3.14 -11.42 -23.52
CA ALA D 138 -3.22 -10.94 -24.90
C ALA D 138 -3.53 -9.43 -24.91
N ILE D 139 -2.51 -8.66 -24.56
CA ILE D 139 -2.52 -7.20 -24.69
C ILE D 139 -1.13 -6.75 -25.14
N ASP D 140 -1.01 -5.44 -25.39
CA ASP D 140 0.22 -4.77 -25.82
C ASP D 140 0.78 -5.40 -27.09
N PRO D 141 0.07 -5.34 -28.22
CA PRO D 141 0.58 -5.94 -29.44
C PRO D 141 1.52 -5.02 -30.19
N ASP D 142 2.35 -5.61 -31.04
CA ASP D 142 3.22 -4.82 -31.90
C ASP D 142 3.54 -5.61 -33.15
N LEU D 143 3.29 -5.02 -34.32
CA LEU D 143 3.57 -5.64 -35.60
C LEU D 143 5.02 -5.38 -35.98
N VAL D 144 5.71 -6.43 -36.40
CA VAL D 144 7.08 -6.33 -36.91
C VAL D 144 7.15 -7.10 -38.22
N ILE D 145 7.90 -6.56 -39.18
CA ILE D 145 8.05 -7.17 -40.49
C ILE D 145 9.43 -7.81 -40.57
N ASP D 146 9.49 -9.03 -41.11
CA ASP D 146 10.72 -9.78 -41.23
C ASP D 146 11.77 -9.03 -42.04
N LYS D 147 13.01 -9.49 -41.93
CA LYS D 147 14.01 -9.14 -42.94
C LYS D 147 13.65 -9.72 -44.29
N ASP D 148 12.74 -10.70 -44.33
CA ASP D 148 12.20 -11.25 -45.55
C ASP D 148 10.89 -10.62 -45.98
N GLY D 149 10.36 -9.68 -45.20
CA GLY D 149 9.11 -9.03 -45.53
C GLY D 149 7.87 -9.68 -44.98
N ASN D 150 8.01 -10.63 -44.04
CA ASN D 150 6.85 -11.32 -43.51
C ASN D 150 6.46 -10.76 -42.15
N PRO D 151 5.18 -10.78 -41.81
CA PRO D 151 4.72 -10.20 -40.55
C PRO D 151 4.80 -11.16 -39.36
N TRP D 152 5.09 -10.57 -38.21
CA TRP D 152 5.02 -11.22 -36.92
C TRP D 152 4.29 -10.30 -35.94
N LEU D 153 3.88 -10.87 -34.81
CA LEU D 153 3.19 -10.11 -33.77
C LEU D 153 3.72 -10.54 -32.40
N SER D 154 4.21 -9.58 -31.63
CA SER D 154 4.63 -9.83 -30.26
C SER D 154 3.68 -9.12 -29.30
N PHE D 155 3.42 -9.76 -28.16
CA PHE D 155 2.46 -9.23 -27.20
C PHE D 155 2.82 -9.79 -25.83
N GLY D 156 1.89 -9.69 -24.89
CA GLY D 156 2.11 -10.25 -23.58
C GLY D 156 2.27 -9.18 -22.53
N SER D 157 1.84 -9.49 -21.32
CA SER D 157 2.01 -8.57 -20.20
C SER D 157 1.91 -9.37 -18.91
N PHE D 158 2.99 -9.34 -18.12
CA PHE D 158 3.15 -10.14 -16.92
C PHE D 158 2.98 -11.62 -17.23
N TRP D 159 2.66 -12.41 -16.21
CA TRP D 159 2.58 -13.88 -16.31
C TRP D 159 3.90 -14.36 -16.90
N SER D 160 3.89 -15.23 -17.91
CA SER D 160 5.15 -15.77 -18.44
C SER D 160 5.95 -14.76 -19.24
N GLY D 161 5.31 -13.69 -19.75
CA GLY D 161 6.04 -12.58 -20.33
C GLY D 161 5.62 -12.31 -21.77
N ILE D 162 6.61 -12.00 -22.60
CA ILE D 162 6.38 -11.54 -23.97
C ILE D 162 6.29 -12.75 -24.89
N LYS D 163 5.20 -12.83 -25.64
CA LYS D 163 4.98 -13.90 -26.62
C LYS D 163 5.19 -13.38 -28.02
N LEU D 164 5.49 -14.29 -28.93
CA LEU D 164 5.71 -13.96 -30.33
C LEU D 164 5.04 -15.00 -31.21
N THR D 165 4.21 -14.55 -32.15
CA THR D 165 3.56 -15.42 -33.10
C THR D 165 3.83 -14.92 -34.52
N ARG D 166 3.68 -15.82 -35.47
CA ARG D 166 3.85 -15.53 -36.88
C ARG D 166 2.51 -15.16 -37.50
N LEU D 167 2.51 -14.14 -38.35
CA LEU D 167 1.33 -13.71 -39.07
C LEU D 167 1.43 -14.07 -40.54
N ASP D 168 0.30 -14.39 -41.16
CA ASP D 168 0.23 -14.64 -42.58
C ASP D 168 -0.17 -13.37 -43.32
N LYS D 169 0.42 -13.15 -44.49
CA LYS D 169 0.18 -11.93 -45.26
C LYS D 169 -1.28 -11.74 -45.60
N ASN D 170 -2.08 -12.81 -45.60
CA ASN D 170 -3.46 -12.73 -46.05
C ASN D 170 -4.38 -12.16 -44.97
N THR D 171 -4.48 -12.84 -43.83
CA THR D 171 -5.41 -12.45 -42.78
C THR D 171 -4.79 -11.52 -41.75
N MET D 172 -3.45 -11.38 -41.75
CA MET D 172 -2.75 -10.64 -40.69
C MET D 172 -3.12 -11.18 -39.32
N LYS D 173 -3.24 -12.50 -39.23
CA LYS D 173 -3.65 -13.19 -38.02
C LYS D 173 -2.65 -14.30 -37.71
N PRO D 174 -2.57 -14.74 -36.45
CA PRO D 174 -1.51 -15.68 -36.06
C PRO D 174 -1.61 -17.02 -36.79
N THR D 175 -0.45 -17.55 -37.15
CA THR D 175 -0.30 -18.92 -37.62
C THR D 175 0.90 -19.56 -36.91
N GLY D 176 0.93 -20.89 -36.96
CA GLY D 176 1.96 -21.58 -36.22
C GLY D 176 1.68 -21.52 -34.72
N SER D 177 2.74 -21.68 -33.94
CA SER D 177 2.63 -21.65 -32.49
C SER D 177 3.24 -20.37 -31.94
N LEU D 178 3.04 -20.16 -30.65
CA LEU D 178 3.61 -19.01 -29.97
C LEU D 178 5.07 -19.27 -29.61
N TYR D 179 5.84 -18.20 -29.49
CA TYR D 179 7.23 -18.27 -29.10
C TYR D 179 7.46 -17.35 -27.91
N SER D 180 8.28 -17.80 -26.96
CA SER D 180 8.63 -17.00 -25.81
C SER D 180 9.96 -16.29 -26.08
N ILE D 181 9.97 -14.98 -25.89
CA ILE D 181 11.16 -14.19 -26.20
C ILE D 181 11.64 -13.33 -25.04
N ALA D 182 10.79 -12.97 -24.07
CA ALA D 182 11.21 -12.16 -22.95
C ALA D 182 10.43 -12.56 -21.70
N SER D 183 11.12 -12.53 -20.56
CA SER D 183 10.52 -12.88 -19.27
C SER D 183 11.49 -12.49 -18.18
N ARG D 184 10.95 -12.26 -16.98
CA ARG D 184 11.77 -12.01 -15.79
C ARG D 184 11.10 -12.69 -14.59
N PRO D 185 11.31 -14.00 -14.44
CA PRO D 185 10.64 -14.73 -13.35
C PRO D 185 11.11 -14.32 -11.97
N ASN D 186 12.30 -13.73 -11.84
CA ASN D 186 12.78 -13.22 -10.56
C ASN D 186 12.19 -11.86 -10.21
N ASN D 187 11.31 -11.32 -11.04
CA ASN D 187 10.76 -9.98 -10.83
C ASN D 187 9.26 -9.94 -11.11
N GLY D 188 8.56 -11.04 -10.86
CA GLY D 188 7.13 -11.07 -11.05
C GLY D 188 6.68 -10.97 -12.48
N GLY D 189 7.53 -11.30 -13.44
CA GLY D 189 7.18 -11.14 -14.83
C GLY D 189 6.92 -9.70 -15.24
N ALA D 190 7.41 -8.74 -14.47
CA ALA D 190 7.16 -7.33 -14.74
C ALA D 190 7.86 -6.85 -16.01
N VAL D 191 7.47 -7.44 -17.15
CA VAL D 191 7.88 -7.02 -18.48
C VAL D 191 6.62 -6.91 -19.33
N GLU D 192 6.46 -5.79 -20.02
CA GLU D 192 5.30 -5.58 -20.89
C GLU D 192 5.65 -4.58 -21.98
N ALA D 193 4.66 -4.31 -22.82
CA ALA D 193 4.72 -3.38 -23.94
C ALA D 193 5.90 -3.71 -24.84
N PRO D 194 5.85 -4.83 -25.56
CA PRO D 194 6.96 -5.18 -26.45
C PRO D 194 6.84 -4.54 -27.81
N ASN D 195 7.99 -4.30 -28.41
CA ASN D 195 8.07 -3.88 -29.81
C ASN D 195 9.38 -4.39 -30.39
N ILE D 196 9.31 -4.99 -31.57
CA ILE D 196 10.46 -5.57 -32.24
C ILE D 196 10.70 -4.80 -33.52
N THR D 197 11.97 -4.54 -33.82
CA THR D 197 12.36 -3.92 -35.07
C THR D 197 13.68 -4.53 -35.53
N TYR D 198 13.86 -4.57 -36.84
CA TYR D 198 15.02 -5.18 -37.46
C TYR D 198 15.90 -4.09 -38.06
N LYS D 199 17.21 -4.31 -38.01
CA LYS D 199 18.18 -3.39 -38.59
C LYS D 199 19.57 -4.01 -38.59
N ASP D 200 20.16 -4.15 -39.78
CA ASP D 200 21.55 -4.60 -39.93
C ASP D 200 21.78 -5.95 -39.24
N GLY D 201 20.98 -6.93 -39.63
CA GLY D 201 21.19 -8.30 -39.25
C GLY D 201 20.61 -8.72 -37.92
N TYR D 202 20.13 -7.79 -37.09
CA TYR D 202 19.65 -8.11 -35.76
C TYR D 202 18.22 -7.63 -35.57
N TYR D 203 17.45 -8.41 -34.81
CA TYR D 203 16.14 -8.00 -34.33
C TYR D 203 16.27 -7.48 -32.91
N TYR D 204 15.80 -6.25 -32.69
CA TYR D 204 15.93 -5.58 -31.41
C TYR D 204 14.58 -5.57 -30.72
N LEU D 205 14.52 -6.14 -29.52
CA LEU D 205 13.28 -6.27 -28.76
C LEU D 205 13.28 -5.25 -27.64
N PHE D 206 12.60 -4.13 -27.86
CA PHE D 206 12.36 -3.17 -26.80
C PHE D 206 11.16 -3.62 -25.97
N VAL D 207 11.31 -3.56 -24.65
CA VAL D 207 10.24 -3.88 -23.71
C VAL D 207 10.25 -2.85 -22.60
N SER D 208 9.16 -2.83 -21.83
CA SER D 208 9.05 -2.01 -20.64
C SER D 208 9.17 -2.90 -19.40
N PHE D 209 9.80 -2.36 -18.36
CA PHE D 209 9.99 -3.08 -17.10
C PHE D 209 9.18 -2.42 -15.99
N ASP D 210 8.65 -3.25 -15.09
CA ASP D 210 8.03 -2.84 -13.83
C ASP D 210 6.72 -2.08 -14.02
N SER D 211 6.29 -1.33 -13.00
CA SER D 211 4.92 -0.86 -12.86
C SER D 211 4.71 0.49 -13.53
N CYS D 212 3.47 0.75 -13.92
CA CYS D 212 3.18 1.87 -14.81
C CYS D 212 2.02 2.76 -14.37
N CYS D 213 1.04 2.20 -13.69
CA CYS D 213 -0.20 2.95 -13.48
C CYS D 213 -0.24 3.72 -12.16
N LYS D 214 0.89 3.82 -11.46
CA LYS D 214 0.95 4.62 -10.25
C LYS D 214 1.26 6.08 -10.53
N GLY D 215 0.91 6.56 -11.73
CA GLY D 215 1.26 7.90 -12.12
C GLY D 215 2.71 8.29 -11.92
N VAL D 216 2.98 9.07 -10.89
CA VAL D 216 4.25 9.75 -10.78
C VAL D 216 5.21 9.03 -9.83
N ASP D 217 4.68 8.34 -8.81
CA ASP D 217 5.49 7.38 -8.06
C ASP D 217 5.40 6.04 -8.79
N SER D 218 6.06 5.98 -9.94
CA SER D 218 5.94 4.82 -10.82
C SER D 218 7.31 4.42 -11.33
N THR D 219 7.58 3.12 -11.30
CA THR D 219 8.85 2.54 -11.72
C THR D 219 8.64 1.89 -13.07
N TYR D 220 9.02 2.59 -14.14
CA TYR D 220 8.84 2.12 -15.50
C TYR D 220 10.15 2.33 -16.24
N LYS D 221 10.63 1.29 -16.92
CA LYS D 221 11.92 1.34 -17.59
C LYS D 221 11.80 0.80 -19.01
N ILE D 222 12.58 1.36 -19.91
CA ILE D 222 12.65 0.91 -21.29
C ILE D 222 13.92 0.10 -21.46
N ALA D 223 13.77 -1.21 -21.70
CA ALA D 223 14.89 -2.12 -21.83
C ALA D 223 14.81 -2.86 -23.16
N TYR D 224 15.99 -3.19 -23.70
CA TYR D 224 16.09 -3.76 -25.04
C TYR D 224 17.09 -4.91 -25.03
N GLY D 225 17.01 -5.72 -26.09
CA GLY D 225 17.96 -6.79 -26.33
C GLY D 225 17.97 -7.14 -27.80
N ARG D 226 19.04 -7.84 -28.21
CA ARG D 226 19.22 -8.20 -29.59
C ARG D 226 19.20 -9.71 -29.76
N SER D 227 18.93 -10.14 -31.00
CA SER D 227 18.97 -11.54 -31.36
C SER D 227 19.04 -11.64 -32.87
N THR D 228 19.89 -12.54 -33.36
CA THR D 228 19.97 -12.77 -34.79
C THR D 228 18.74 -13.50 -35.32
N SER D 229 17.95 -14.11 -34.44
CA SER D 229 16.71 -14.78 -34.80
C SER D 229 15.52 -13.99 -34.27
N ILE D 230 14.48 -13.88 -35.10
CA ILE D 230 13.28 -13.16 -34.67
C ILE D 230 12.67 -13.83 -33.44
N THR D 231 12.74 -15.16 -33.37
CA THR D 231 12.23 -15.92 -32.23
C THR D 231 13.33 -16.33 -31.26
N GLY D 232 14.55 -16.54 -31.76
CA GLY D 232 15.65 -16.99 -30.95
C GLY D 232 15.88 -16.12 -29.74
N PRO D 233 16.58 -16.65 -28.74
CA PRO D 233 16.74 -15.91 -27.48
C PRO D 233 17.37 -14.55 -27.70
N TYR D 234 16.74 -13.53 -27.13
CA TYR D 234 17.27 -12.18 -27.16
C TYR D 234 18.24 -11.97 -26.01
N TYR D 235 19.32 -11.23 -26.27
CA TYR D 235 20.39 -11.03 -25.32
C TYR D 235 20.71 -9.56 -25.16
N ASP D 236 21.21 -9.20 -23.97
CA ASP D 236 21.56 -7.83 -23.62
C ASP D 236 22.87 -7.40 -24.28
N LYS D 237 23.28 -6.17 -23.99
CA LYS D 237 24.69 -5.83 -24.12
C LYS D 237 25.53 -6.72 -23.23
N SER D 238 25.00 -7.09 -22.07
CA SER D 238 25.67 -7.97 -21.12
C SER D 238 25.63 -9.43 -21.52
N GLY D 239 24.92 -9.78 -22.58
CA GLY D 239 24.81 -11.17 -22.97
C GLY D 239 23.89 -12.01 -22.13
N LYS D 240 23.00 -11.38 -21.37
CA LYS D 240 22.05 -12.11 -20.52
C LYS D 240 20.75 -12.34 -21.28
N ASN D 241 20.28 -13.58 -21.26
CA ASN D 241 19.06 -13.94 -21.97
C ASN D 241 17.88 -13.14 -21.45
N MET D 242 17.11 -12.56 -22.37
CA MET D 242 15.92 -11.82 -21.96
C MET D 242 14.83 -12.73 -21.43
N MET D 243 14.88 -14.03 -21.74
CA MET D 243 13.99 -14.98 -21.08
C MET D 243 14.39 -15.22 -19.63
N ASN D 244 15.61 -14.85 -19.26
CA ASN D 244 16.12 -15.01 -17.91
C ASN D 244 16.19 -13.67 -17.17
N GLY D 245 15.36 -12.72 -17.58
CA GLY D 245 15.36 -11.40 -16.98
C GLY D 245 16.28 -10.40 -17.63
N GLY D 246 16.92 -10.76 -18.74
CA GLY D 246 17.85 -9.85 -19.39
C GLY D 246 17.13 -8.64 -19.97
N GLY D 247 17.77 -7.48 -19.86
CA GLY D 247 17.24 -6.24 -20.39
C GLY D 247 18.10 -5.04 -20.07
N THR D 248 18.94 -4.63 -21.02
CA THR D 248 19.77 -3.44 -20.84
C THR D 248 18.87 -2.20 -20.84
N ILE D 249 18.90 -1.46 -19.74
CA ILE D 249 17.97 -0.35 -19.53
C ILE D 249 18.42 0.85 -20.36
N LEU D 250 17.51 1.34 -21.20
CA LEU D 250 17.75 2.51 -22.03
C LEU D 250 17.32 3.80 -21.34
N ASP D 251 16.20 3.75 -20.62
CA ASP D 251 15.61 4.95 -20.04
C ASP D 251 14.89 4.57 -18.76
N SER D 252 15.17 5.31 -17.68
CA SER D 252 14.50 5.09 -16.41
C SER D 252 13.88 6.36 -15.84
N GLY D 253 14.08 7.50 -16.48
CA GLY D 253 13.50 8.75 -16.04
C GLY D 253 14.52 9.69 -15.46
N ASN D 254 14.08 10.93 -15.26
CA ASN D 254 14.94 11.97 -14.68
C ASN D 254 14.21 12.66 -13.53
N ASP D 255 14.55 13.93 -13.28
CA ASP D 255 13.89 14.68 -12.22
C ASP D 255 12.47 15.05 -12.61
N ARG D 256 12.24 15.36 -13.88
CA ARG D 256 10.94 15.80 -14.36
C ARG D 256 10.07 14.63 -14.82
N TRP D 257 10.58 13.80 -15.73
CA TRP D 257 9.80 12.70 -16.28
C TRP D 257 10.10 11.43 -15.52
N LYS D 258 9.08 10.84 -14.91
CA LYS D 258 9.22 9.64 -14.12
C LYS D 258 8.49 8.49 -14.79
N GLY D 259 9.09 7.31 -14.70
CA GLY D 259 8.51 6.10 -15.23
C GLY D 259 8.15 6.16 -16.72
N PRO D 260 9.15 6.29 -17.58
CA PRO D 260 8.87 6.25 -19.02
C PRO D 260 8.75 4.82 -19.49
N GLY D 261 7.85 4.59 -20.44
CA GLY D 261 7.66 3.25 -20.94
C GLY D 261 6.57 3.16 -21.98
N HIS D 262 6.11 1.93 -22.19
CA HIS D 262 5.29 1.56 -23.34
C HIS D 262 5.81 2.22 -24.61
N GLN D 263 7.10 2.01 -24.86
CA GLN D 263 7.79 2.62 -25.98
C GLN D 263 7.36 1.99 -27.30
N ASP D 264 7.68 2.68 -28.39
CA ASP D 264 7.53 2.13 -29.73
C ASP D 264 8.48 2.89 -30.66
N VAL D 265 8.86 2.23 -31.75
CA VAL D 265 9.84 2.79 -32.67
C VAL D 265 9.21 2.95 -34.05
N LEU D 266 9.66 3.97 -34.77
CA LEU D 266 9.21 4.24 -36.12
C LEU D 266 10.42 4.44 -37.02
N ASN D 267 10.56 3.58 -38.03
CA ASN D 267 11.55 3.75 -39.09
C ASN D 267 12.98 3.72 -38.55
N ASN D 268 13.19 3.07 -37.40
CA ASN D 268 14.51 2.93 -36.79
C ASN D 268 15.18 4.29 -36.60
N SER D 269 14.39 5.31 -36.29
CA SER D 269 14.92 6.66 -36.17
C SER D 269 14.15 7.49 -35.15
N ILE D 270 13.03 6.97 -34.67
CA ILE D 270 12.15 7.69 -33.75
C ILE D 270 11.67 6.73 -32.67
N LEU D 271 11.85 7.12 -31.41
CA LEU D 271 11.36 6.34 -30.28
C LEU D 271 10.35 7.18 -29.52
N VAL D 272 9.11 6.72 -29.47
CA VAL D 272 8.07 7.38 -28.70
C VAL D 272 7.80 6.59 -27.43
N ARG D 273 7.18 7.27 -26.47
CA ARG D 273 7.00 6.75 -25.12
C ARG D 273 6.07 7.71 -24.39
N HIS D 274 5.45 7.21 -23.32
CA HIS D 274 4.69 8.07 -22.42
C HIS D 274 5.43 8.15 -21.09
N ALA D 275 5.48 9.36 -20.53
CA ALA D 275 6.12 9.59 -19.24
C ALA D 275 5.21 10.46 -18.39
N TYR D 276 5.38 10.35 -17.07
CA TYR D 276 4.49 11.00 -16.11
C TYR D 276 5.15 12.28 -15.62
N ASP D 277 4.46 13.40 -15.80
CA ASP D 277 5.05 14.73 -15.59
C ASP D 277 5.00 15.06 -14.10
N ALA D 278 6.18 15.12 -13.47
CA ALA D 278 6.24 15.48 -12.06
C ALA D 278 5.87 16.94 -11.82
N LEU D 279 5.84 17.76 -12.87
CA LEU D 279 5.46 19.16 -12.76
C LEU D 279 4.01 19.39 -13.13
N ASP D 280 3.22 18.33 -13.30
CA ASP D 280 1.80 18.47 -13.60
C ASP D 280 1.01 17.33 -12.98
N ASN D 281 1.32 17.01 -11.73
CA ASN D 281 0.57 16.03 -10.93
C ASN D 281 0.61 14.63 -11.54
N GLY D 282 1.72 14.29 -12.20
CA GLY D 282 1.93 12.93 -12.66
C GLY D 282 1.18 12.53 -13.91
N VAL D 283 0.52 13.46 -14.60
CA VAL D 283 -0.20 13.13 -15.82
C VAL D 283 0.79 12.65 -16.89
N SER D 284 0.40 11.61 -17.63
CA SER D 284 1.28 11.01 -18.62
C SER D 284 1.28 11.82 -19.90
N LYS D 285 2.45 12.31 -20.30
CA LYS D 285 2.63 13.11 -21.50
C LYS D 285 3.31 12.29 -22.59
N LEU D 286 3.43 12.90 -23.77
CA LEU D 286 4.08 12.27 -24.91
C LEU D 286 5.52 12.74 -25.01
N LEU D 287 6.46 11.80 -25.04
CA LEU D 287 7.87 12.09 -25.22
C LEU D 287 8.37 11.40 -26.48
N ILE D 288 9.04 12.16 -27.34
CA ILE D 288 9.59 11.65 -28.59
C ILE D 288 11.08 11.95 -28.62
N ASN D 289 11.86 10.97 -29.07
CA ASN D 289 13.31 11.11 -29.18
C ASN D 289 13.77 10.60 -30.53
N ASP D 290 14.90 11.15 -30.98
CA ASP D 290 15.60 10.58 -32.13
C ASP D 290 16.38 9.36 -31.68
N LEU D 291 16.15 8.24 -32.35
CA LEU D 291 16.76 6.97 -31.97
C LEU D 291 18.01 6.75 -32.83
N TYR D 292 19.15 6.59 -32.16
CA TYR D 292 20.42 6.33 -32.82
C TYR D 292 20.92 4.94 -32.48
N TRP D 293 22.05 4.58 -33.08
CA TRP D 293 22.68 3.28 -32.87
C TRP D 293 24.19 3.50 -32.79
N ASP D 294 24.82 2.95 -31.74
CA ASP D 294 26.24 3.18 -31.52
C ASP D 294 27.06 2.38 -32.52
N SER D 295 28.37 2.35 -32.31
CA SER D 295 29.26 1.64 -33.24
C SER D 295 29.03 0.14 -33.24
N GLN D 296 28.37 -0.40 -32.21
CA GLN D 296 28.09 -1.82 -32.10
C GLN D 296 26.67 -2.17 -32.51
N GLY D 297 25.91 -1.21 -33.02
CA GLY D 297 24.55 -1.47 -33.45
C GLY D 297 23.51 -1.43 -32.35
N TRP D 298 23.87 -0.99 -31.15
CA TRP D 298 22.94 -0.97 -30.03
C TRP D 298 22.19 0.36 -29.99
N PRO D 299 20.91 0.32 -29.58
CA PRO D 299 20.11 1.55 -29.56
C PRO D 299 20.55 2.50 -28.45
N THR D 300 20.71 3.77 -28.81
CA THR D 300 21.03 4.83 -27.85
C THR D 300 20.20 6.06 -28.20
N TYR D 301 20.24 7.04 -27.29
CA TYR D 301 19.55 8.31 -27.52
C TYR D 301 20.45 9.32 -28.23
#